data_8I50
# 
_entry.id   8I50 
# 
_audit_conform.dict_name       mmcif_pdbx.dic 
_audit_conform.dict_version    5.376 
_audit_conform.dict_location   http://mmcif.pdb.org/dictionaries/ascii/mmcif_pdbx.dic 
# 
loop_
_database_2.database_id 
_database_2.database_code 
_database_2.pdbx_database_accession 
_database_2.pdbx_DOI 
PDB   8I50         pdb_00008i50 10.2210/pdb8i50/pdb 
WWPDB D_1300034347 ?            ?                   
# 
loop_
_pdbx_database_related.db_name 
_pdbx_database_related.details 
_pdbx_database_related.db_id 
_pdbx_database_related.content_type 
PDB 'We plan to submit these data in the same paper.' 8HIS unspecified 
PDB 'We plan to submit these data in the same paper.' 8HU5 unspecified 
# 
_pdbx_database_status.status_code                     REL 
_pdbx_database_status.status_code_sf                  REL 
_pdbx_database_status.status_code_mr                  ? 
_pdbx_database_status.entry_id                        8I50 
_pdbx_database_status.recvd_initial_deposition_date   2023-01-21 
_pdbx_database_status.SG_entry                        N 
_pdbx_database_status.deposit_site                    PDBJ 
_pdbx_database_status.process_site                    PDBJ 
_pdbx_database_status.status_code_cs                  ? 
_pdbx_database_status.status_code_nmr_data            ? 
_pdbx_database_status.methods_development_category    ? 
_pdbx_database_status.pdb_format_compatible           Y 
# 
loop_
_audit_author.name 
_audit_author.pdbx_ordinal 
_audit_author.identifier_ORCID 
'Aoyama, H.'    1 0000-0001-7915-8975 
'Obika, S.'     2 0000-0002-6842-6812 
'Yamaguchi, T.' 3 0000-0003-3180-0257 
# 
_citation.abstract                  ? 
_citation.abstract_id_CAS           ? 
_citation.book_id_ISBN              ? 
_citation.book_publisher            ? 
_citation.book_publisher_city       ? 
_citation.book_title                ? 
_citation.coordinate_linkage        ? 
_citation.country                   UK 
_citation.database_id_Medline       ? 
_citation.details                   ? 
_citation.id                        primary 
_citation.journal_abbrev            'Nucleic Acids Res.' 
_citation.journal_id_ASTM           NARHAD 
_citation.journal_id_CSD            0389 
_citation.journal_id_ISSN           1362-4962 
_citation.journal_full              ? 
_citation.journal_issue             ? 
_citation.journal_volume            51 
_citation.language                  ? 
_citation.page_first                7749 
_citation.page_last                 7761 
_citation.title                     
;Mechanism of the extremely high duplex-forming ability of oligonucleotides modified with N-tert-butylguanidine- or N-tert-butyl-N'- methylguanidine-bridged nucleic acids.
;
_citation.year                      2023 
_citation.database_id_CSD           ? 
_citation.pdbx_database_id_DOI      10.1093/nar/gkad608 
_citation.pdbx_database_id_PubMed   37462081 
_citation.pdbx_database_id_patent   ? 
_citation.unpublished_flag          ? 
# 
loop_
_citation_author.citation_id 
_citation_author.name 
_citation_author.ordinal 
_citation_author.identifier_ORCID 
primary 'Yamaguchi, T.' 1 ? 
primary 'Horie, N.'     2 ? 
primary 'Aoyama, H.'    3 ? 
primary 'Kumagai, S.'   4 ? 
primary 'Obika, S.'     5 ? 
# 
_cell.angle_alpha                  90.00 
_cell.angle_alpha_esd              ? 
_cell.angle_beta                   90.00 
_cell.angle_beta_esd               ? 
_cell.angle_gamma                  120.00 
_cell.angle_gamma_esd              ? 
_cell.entry_id                     8I50 
_cell.details                      ? 
_cell.formula_units_Z              ? 
_cell.length_a                     32.266 
_cell.length_a_esd                 ? 
_cell.length_b                     32.266 
_cell.length_b_esd                 ? 
_cell.length_c                     80.672 
_cell.length_c_esd                 ? 
_cell.volume                       ? 
_cell.volume_esd                   ? 
_cell.Z_PDB                        12 
_cell.reciprocal_angle_alpha       ? 
_cell.reciprocal_angle_beta        ? 
_cell.reciprocal_angle_gamma       ? 
_cell.reciprocal_angle_alpha_esd   ? 
_cell.reciprocal_angle_beta_esd    ? 
_cell.reciprocal_angle_gamma_esd   ? 
_cell.reciprocal_length_a          ? 
_cell.reciprocal_length_b          ? 
_cell.reciprocal_length_c          ? 
_cell.reciprocal_length_a_esd      ? 
_cell.reciprocal_length_b_esd      ? 
_cell.reciprocal_length_c_esd      ? 
_cell.pdbx_unique_axis             ? 
_cell.pdbx_esd_method              ? 
# 
_symmetry.entry_id                         8I50 
_symmetry.cell_setting                     ? 
_symmetry.Int_Tables_number                178 
_symmetry.space_group_name_Hall            ? 
_symmetry.space_group_name_H-M             'P 61 2 2' 
_symmetry.pdbx_full_space_group_name_H-M   ? 
# 
loop_
_entity.id 
_entity.type 
_entity.src_method 
_entity.pdbx_description 
_entity.formula_weight 
_entity.pdbx_number_of_molecules 
_entity.pdbx_ec 
_entity.pdbx_mutation 
_entity.pdbx_fragment 
_entity.details 
1 polymer syn 
;DNA (5'-D(*GP*(OIQ)P*GP*(BRU)P*AP*CP*AP*C)-3')
;
2588.606 1  ? ? ? ? 
2 water   nat water                                            18.015   47 ? ? ? ? 
# 
_entity_poly.entity_id                      1 
_entity_poly.type                           polydeoxyribonucleotide 
_entity_poly.nstd_linkage                   no 
_entity_poly.nstd_monomer                   yes 
_entity_poly.pdbx_seq_one_letter_code       '(DG)(OIQ)(DG)(BRU)(DA)(DC)(DA)(DC)' 
_entity_poly.pdbx_seq_one_letter_code_can   GXGUACAC 
_entity_poly.pdbx_strand_id                 A 
_entity_poly.pdbx_target_identifier         ? 
# 
loop_
_entity_poly_seq.entity_id 
_entity_poly_seq.num 
_entity_poly_seq.mon_id 
_entity_poly_seq.hetero 
1 1 DG  n 
1 2 OIQ n 
1 3 DG  n 
1 4 BRU n 
1 5 DA  n 
1 6 DC  n 
1 7 DA  n 
1 8 DC  n 
# 
_pdbx_entity_src_syn.entity_id              1 
_pdbx_entity_src_syn.pdbx_src_id            1 
_pdbx_entity_src_syn.pdbx_alt_source_flag   sample 
_pdbx_entity_src_syn.pdbx_beg_seq_num       1 
_pdbx_entity_src_syn.pdbx_end_seq_num       8 
_pdbx_entity_src_syn.organism_scientific    'synthetic construct' 
_pdbx_entity_src_syn.organism_common_name   ? 
_pdbx_entity_src_syn.ncbi_taxonomy_id       32630 
_pdbx_entity_src_syn.details                ? 
# 
_struct_ref.id                         1 
_struct_ref.db_name                    PDB 
_struct_ref.db_code                    8I50 
_struct_ref.pdbx_db_accession          8I50 
_struct_ref.pdbx_db_isoform            ? 
_struct_ref.entity_id                  1 
_struct_ref.pdbx_seq_one_letter_code   ? 
_struct_ref.pdbx_align_begin           1 
# 
_struct_ref_seq.align_id                      1 
_struct_ref_seq.ref_id                        1 
_struct_ref_seq.pdbx_PDB_id_code              8I50 
_struct_ref_seq.pdbx_strand_id                A 
_struct_ref_seq.seq_align_beg                 1 
_struct_ref_seq.pdbx_seq_align_beg_ins_code   ? 
_struct_ref_seq.seq_align_end                 8 
_struct_ref_seq.pdbx_seq_align_end_ins_code   ? 
_struct_ref_seq.pdbx_db_accession             8I50 
_struct_ref_seq.db_align_beg                  1 
_struct_ref_seq.pdbx_db_align_beg_ins_code    ? 
_struct_ref_seq.db_align_end                  8 
_struct_ref_seq.pdbx_db_align_end_ins_code    ? 
_struct_ref_seq.pdbx_auth_seq_align_beg       1 
_struct_ref_seq.pdbx_auth_seq_align_end       8 
# 
loop_
_chem_comp.id 
_chem_comp.type 
_chem_comp.mon_nstd_flag 
_chem_comp.name 
_chem_comp.pdbx_synonyms 
_chem_comp.formula 
_chem_comp.formula_weight 
BRU 'DNA linking' n "5-BROMO-2'-DEOXYURIDINE-5'-MONOPHOSPHATE" ? 'C9 H12 Br N2 O8 P' 387.078 
DA  'DNA linking' y "2'-DEOXYADENOSINE-5'-MONOPHOSPHATE" ? 'C10 H14 N5 O6 P'   331.222 
DC  'DNA linking' y "2'-DEOXYCYTIDINE-5'-MONOPHOSPHATE" ? 'C9 H14 N3 O7 P'    307.197 
DG  'DNA linking' y "2'-DEOXYGUANOSINE-5'-MONOPHOSPHATE" ? 'C10 H14 N5 O7 P'   347.221 
HOH non-polymer   . WATER ? 'H2 O'              18.015  
OIQ 'DNA linking' . 
;[(1R,3R,4R,7S)-5-[(E)-N,N'-dimethylcarbamimidoyl]-3-[5-methyl-2,4-bis(oxidanylidene)pyrimidin-1-yl]-7-oxidanyl-2-oxa-5-azabicyclo[2.2.1]heptan-1-yl]methyl dihydrogen phosphate
;
? 'C14 H22 N5 O8 P'   419.327 
# 
_exptl.absorpt_coefficient_mu     ? 
_exptl.absorpt_correction_T_max   ? 
_exptl.absorpt_correction_T_min   ? 
_exptl.absorpt_correction_type    ? 
_exptl.absorpt_process_details    ? 
_exptl.entry_id                   8I50 
_exptl.crystals_number            1 
_exptl.details                    ? 
_exptl.method                     'X-RAY DIFFRACTION' 
_exptl.method_details             ? 
# 
_exptl_crystal.colour                       ? 
_exptl_crystal.density_diffrn               ? 
_exptl_crystal.density_Matthews             2.54 
_exptl_crystal.density_method               ? 
_exptl_crystal.density_percent_sol          51.63 
_exptl_crystal.description                  ? 
_exptl_crystal.F_000                        ? 
_exptl_crystal.id                           1 
_exptl_crystal.preparation                  ? 
_exptl_crystal.size_max                     ? 
_exptl_crystal.size_mid                     ? 
_exptl_crystal.size_min                     ? 
_exptl_crystal.size_rad                     ? 
_exptl_crystal.colour_lustre                ? 
_exptl_crystal.colour_modifier              ? 
_exptl_crystal.colour_primary               ? 
_exptl_crystal.density_meas                 ? 
_exptl_crystal.density_meas_esd             ? 
_exptl_crystal.density_meas_gt              ? 
_exptl_crystal.density_meas_lt              ? 
_exptl_crystal.density_meas_temp            ? 
_exptl_crystal.density_meas_temp_esd        ? 
_exptl_crystal.density_meas_temp_gt         ? 
_exptl_crystal.density_meas_temp_lt         ? 
_exptl_crystal.pdbx_crystal_image_url       ? 
_exptl_crystal.pdbx_crystal_image_format    ? 
_exptl_crystal.pdbx_mosaicity               ? 
_exptl_crystal.pdbx_mosaicity_esd           ? 
_exptl_crystal.pdbx_mosaic_method           ? 
_exptl_crystal.pdbx_mosaic_block_size       ? 
_exptl_crystal.pdbx_mosaic_block_size_esd   ? 
# 
_exptl_crystal_grow.apparatus       ? 
_exptl_crystal_grow.atmosphere      ? 
_exptl_crystal_grow.crystal_id      1 
_exptl_crystal_grow.details         ? 
_exptl_crystal_grow.method          'VAPOR DIFFUSION, HANGING DROP' 
_exptl_crystal_grow.method_ref      ? 
_exptl_crystal_grow.pH              ? 
_exptl_crystal_grow.pressure        ? 
_exptl_crystal_grow.pressure_esd    ? 
_exptl_crystal_grow.seeding         ? 
_exptl_crystal_grow.seeding_ref     ? 
_exptl_crystal_grow.temp_details    ? 
_exptl_crystal_grow.temp_esd        ? 
_exptl_crystal_grow.time            ? 
_exptl_crystal_grow.pdbx_details    
;10% v/v (+/-)-2-Methyl-2,4-pentanediol, 0.040M Sodium cacodylate trihydrate pH 7.0, 0.012M Spermine tetrahydrochloride, 0.080M Potassium chloride, 0.020M Magnesium chloride hexahydrate
;
_exptl_crystal_grow.pdbx_pH_range   7.0 
_exptl_crystal_grow.temp            293.15 
# 
_diffrn.ambient_environment              ? 
_diffrn.ambient_temp                     90 
_diffrn.ambient_temp_details             ? 
_diffrn.ambient_temp_esd                 ? 
_diffrn.crystal_id                       1 
_diffrn.crystal_support                  ? 
_diffrn.crystal_treatment                ? 
_diffrn.details                          ? 
_diffrn.id                               1 
_diffrn.ambient_pressure                 ? 
_diffrn.ambient_pressure_esd             ? 
_diffrn.ambient_pressure_gt              ? 
_diffrn.ambient_pressure_lt              ? 
_diffrn.ambient_temp_gt                  ? 
_diffrn.ambient_temp_lt                  ? 
_diffrn.pdbx_serial_crystal_experiment   N 
# 
_diffrn_detector.details                      ? 
_diffrn_detector.detector                     PIXEL 
_diffrn_detector.diffrn_id                    1 
_diffrn_detector.type                         'DECTRIS EIGER X 16M' 
_diffrn_detector.area_resol_mean              ? 
_diffrn_detector.dtime                        ? 
_diffrn_detector.pdbx_frames_total            ? 
_diffrn_detector.pdbx_collection_time_total   ? 
_diffrn_detector.pdbx_collection_date         2019-06-26 
_diffrn_detector.pdbx_frequency               ? 
_diffrn_detector.id                           ? 
_diffrn_detector.number_of_axes               ? 
# 
_diffrn_radiation.collimation                      ? 
_diffrn_radiation.diffrn_id                        1 
_diffrn_radiation.filter_edge                      ? 
_diffrn_radiation.inhomogeneity                    ? 
_diffrn_radiation.monochromator                    ? 
_diffrn_radiation.polarisn_norm                    ? 
_diffrn_radiation.polarisn_ratio                   ? 
_diffrn_radiation.probe                            ? 
_diffrn_radiation.type                             ? 
_diffrn_radiation.xray_symbol                      ? 
_diffrn_radiation.wavelength_id                    1 
_diffrn_radiation.pdbx_monochromatic_or_laue_m_l   M 
_diffrn_radiation.pdbx_wavelength_list             ? 
_diffrn_radiation.pdbx_wavelength                  ? 
_diffrn_radiation.pdbx_diffrn_protocol             'SINGLE WAVELENGTH' 
_diffrn_radiation.pdbx_analyzer                    ? 
_diffrn_radiation.pdbx_scattering_type             x-ray 
# 
_diffrn_radiation_wavelength.id           1 
_diffrn_radiation_wavelength.wavelength   0.9199 
_diffrn_radiation_wavelength.wt           1.0 
# 
_diffrn_source.current                     ? 
_diffrn_source.details                     ? 
_diffrn_source.diffrn_id                   1 
_diffrn_source.power                       ? 
_diffrn_source.size                        ? 
_diffrn_source.source                      SYNCHROTRON 
_diffrn_source.target                      ? 
_diffrn_source.type                        'SPRING-8 BEAMLINE BL44XU' 
_diffrn_source.voltage                     ? 
_diffrn_source.take-off_angle              ? 
_diffrn_source.pdbx_wavelength_list        0.9199 
_diffrn_source.pdbx_wavelength             ? 
_diffrn_source.pdbx_synchrotron_beamline   BL44XU 
_diffrn_source.pdbx_synchrotron_site       SPring-8 
# 
_reflns.B_iso_Wilson_estimate                          ? 
_reflns.entry_id                                       8I50 
_reflns.data_reduction_details                         ? 
_reflns.data_reduction_method                          ? 
_reflns.d_resolution_high                              0.95 
_reflns.d_resolution_low                               40.34 
_reflns.details                                        ? 
_reflns.limit_h_max                                    ? 
_reflns.limit_h_min                                    ? 
_reflns.limit_k_max                                    ? 
_reflns.limit_k_min                                    ? 
_reflns.limit_l_max                                    ? 
_reflns.limit_l_min                                    ? 
_reflns.number_all                                     ? 
_reflns.number_obs                                     16392 
_reflns.observed_criterion                             ? 
_reflns.observed_criterion_F_max                       ? 
_reflns.observed_criterion_F_min                       ? 
_reflns.observed_criterion_I_max                       ? 
_reflns.observed_criterion_I_min                       ? 
_reflns.observed_criterion_sigma_F                     ? 
_reflns.observed_criterion_sigma_I                     ? 
_reflns.percent_possible_obs                           99.5 
_reflns.R_free_details                                 ? 
_reflns.Rmerge_F_all                                   ? 
_reflns.Rmerge_F_obs                                   ? 
_reflns.Friedel_coverage                               ? 
_reflns.number_gt                                      ? 
_reflns.threshold_expression                           ? 
_reflns.pdbx_redundancy                                18.3 
_reflns.pdbx_netI_over_av_sigmaI                       ? 
_reflns.pdbx_netI_over_sigmaI                          34.6 
_reflns.pdbx_res_netI_over_av_sigmaI_2                 ? 
_reflns.pdbx_res_netI_over_sigmaI_2                    ? 
_reflns.pdbx_chi_squared                               1.01 
_reflns.pdbx_scaling_rejects                           ? 
_reflns.pdbx_d_res_high_opt                            ? 
_reflns.pdbx_d_res_low_opt                             ? 
_reflns.pdbx_d_res_opt_method                          ? 
_reflns.phase_calculation_details                      ? 
_reflns.pdbx_Rrim_I_all                                ? 
_reflns.pdbx_Rpim_I_all                                0.014 
_reflns.pdbx_d_opt                                     ? 
_reflns.pdbx_number_measured_all                       ? 
_reflns.pdbx_diffrn_id                                 1 
_reflns.pdbx_ordinal                                   1 
_reflns.pdbx_CC_half                                   0.998 
_reflns.pdbx_CC_star                                   ? 
_reflns.pdbx_R_split                                   ? 
_reflns.pdbx_Rmerge_I_obs                              0.056 
_reflns.pdbx_Rmerge_I_all                              ? 
_reflns.pdbx_Rsym_value                                ? 
_reflns.pdbx_CC_split_method                           ? 
_reflns.pdbx_aniso_diffraction_limit_axis_1_ortho[1]   ? 
_reflns.pdbx_aniso_diffraction_limit_axis_1_ortho[2]   ? 
_reflns.pdbx_aniso_diffraction_limit_axis_1_ortho[3]   ? 
_reflns.pdbx_aniso_diffraction_limit_axis_2_ortho[1]   ? 
_reflns.pdbx_aniso_diffraction_limit_axis_2_ortho[2]   ? 
_reflns.pdbx_aniso_diffraction_limit_axis_2_ortho[3]   ? 
_reflns.pdbx_aniso_diffraction_limit_axis_3_ortho[1]   ? 
_reflns.pdbx_aniso_diffraction_limit_axis_3_ortho[2]   ? 
_reflns.pdbx_aniso_diffraction_limit_axis_3_ortho[3]   ? 
_reflns.pdbx_aniso_diffraction_limit_1                 ? 
_reflns.pdbx_aniso_diffraction_limit_2                 ? 
_reflns.pdbx_aniso_diffraction_limit_3                 ? 
_reflns.pdbx_aniso_B_tensor_eigenvector_1_ortho[1]     ? 
_reflns.pdbx_aniso_B_tensor_eigenvector_1_ortho[2]     ? 
_reflns.pdbx_aniso_B_tensor_eigenvector_1_ortho[3]     ? 
_reflns.pdbx_aniso_B_tensor_eigenvector_2_ortho[1]     ? 
_reflns.pdbx_aniso_B_tensor_eigenvector_2_ortho[2]     ? 
_reflns.pdbx_aniso_B_tensor_eigenvector_2_ortho[3]     ? 
_reflns.pdbx_aniso_B_tensor_eigenvector_3_ortho[1]     ? 
_reflns.pdbx_aniso_B_tensor_eigenvector_3_ortho[2]     ? 
_reflns.pdbx_aniso_B_tensor_eigenvector_3_ortho[3]     ? 
_reflns.pdbx_aniso_B_tensor_eigenvalue_1               ? 
_reflns.pdbx_aniso_B_tensor_eigenvalue_2               ? 
_reflns.pdbx_aniso_B_tensor_eigenvalue_3               ? 
_reflns.pdbx_orthogonalization_convention              ? 
_reflns.pdbx_percent_possible_ellipsoidal              ? 
_reflns.pdbx_percent_possible_spherical                ? 
_reflns.pdbx_percent_possible_ellipsoidal_anomalous    ? 
_reflns.pdbx_percent_possible_spherical_anomalous      ? 
_reflns.pdbx_redundancy_anomalous                      ? 
_reflns.pdbx_CC_half_anomalous                         ? 
_reflns.pdbx_absDiff_over_sigma_anomalous              ? 
_reflns.pdbx_percent_possible_anomalous                ? 
_reflns.pdbx_observed_signal_threshold                 ? 
_reflns.pdbx_signal_type                               ? 
_reflns.pdbx_signal_details                            ? 
_reflns.pdbx_signal_software_id                        ? 
# 
_reflns_shell.d_res_high                                    0.95 
_reflns_shell.d_res_low                                     0.97 
_reflns_shell.meanI_over_sigI_all                           ? 
_reflns_shell.meanI_over_sigI_obs                           1.6 
_reflns_shell.number_measured_all                           ? 
_reflns_shell.number_measured_obs                           5846 
_reflns_shell.number_possible                               ? 
_reflns_shell.number_unique_all                             ? 
_reflns_shell.number_unique_obs                             720 
_reflns_shell.percent_possible_obs                          ? 
_reflns_shell.Rmerge_F_all                                  ? 
_reflns_shell.Rmerge_F_obs                                  ? 
_reflns_shell.meanI_over_sigI_gt                            ? 
_reflns_shell.meanI_over_uI_all                             ? 
_reflns_shell.meanI_over_uI_gt                              ? 
_reflns_shell.number_measured_gt                            ? 
_reflns_shell.number_unique_gt                              ? 
_reflns_shell.percent_possible_gt                           ? 
_reflns_shell.Rmerge_F_gt                                   ? 
_reflns_shell.Rmerge_I_gt                                   ? 
_reflns_shell.pdbx_redundancy                               8.1 
_reflns_shell.pdbx_chi_squared                              0.95 
_reflns_shell.pdbx_netI_over_sigmaI_all                     ? 
_reflns_shell.pdbx_netI_over_sigmaI_obs                     ? 
_reflns_shell.pdbx_Rrim_I_all                               0.78 
_reflns_shell.pdbx_Rpim_I_all                               0.458 
_reflns_shell.pdbx_rejects                                  ? 
_reflns_shell.pdbx_ordinal                                  1 
_reflns_shell.pdbx_diffrn_id                                1 
_reflns_shell.pdbx_CC_half                                  0.646 
_reflns_shell.pdbx_CC_star                                  ? 
_reflns_shell.pdbx_R_split                                  ? 
_reflns_shell.percent_possible_all                          ? 
_reflns_shell.Rmerge_I_all                                  ? 
_reflns_shell.Rmerge_I_obs                                  1.255 
_reflns_shell.pdbx_Rsym_value                               ? 
_reflns_shell.pdbx_percent_possible_ellipsoidal             ? 
_reflns_shell.pdbx_percent_possible_spherical               ? 
_reflns_shell.pdbx_percent_possible_ellipsoidal_anomalous   ? 
_reflns_shell.pdbx_percent_possible_spherical_anomalous     ? 
_reflns_shell.pdbx_redundancy_anomalous                     ? 
_reflns_shell.pdbx_CC_half_anomalous                        ? 
_reflns_shell.pdbx_absDiff_over_sigma_anomalous             ? 
_reflns_shell.pdbx_percent_possible_anomalous               ? 
# 
_refine.aniso_B[1][1]                            ? 
_refine.aniso_B[1][2]                            ? 
_refine.aniso_B[1][3]                            ? 
_refine.aniso_B[2][2]                            ? 
_refine.aniso_B[2][3]                            ? 
_refine.aniso_B[3][3]                            ? 
_refine.B_iso_max                                ? 
_refine.B_iso_mean                               ? 
_refine.B_iso_min                                ? 
_refine.correlation_coeff_Fo_to_Fc               ? 
_refine.correlation_coeff_Fo_to_Fc_free          ? 
_refine.details                                  ? 
_refine.diff_density_max                         ? 
_refine.diff_density_max_esd                     ? 
_refine.diff_density_min                         ? 
_refine.diff_density_min_esd                     ? 
_refine.diff_density_rms                         ? 
_refine.diff_density_rms_esd                     ? 
_refine.entry_id                                 8I50 
_refine.pdbx_refine_id                           'X-RAY DIFFRACTION' 
_refine.ls_abs_structure_details                 ? 
_refine.ls_abs_structure_Flack                   ? 
_refine.ls_abs_structure_Flack_esd               ? 
_refine.ls_abs_structure_Rogers                  ? 
_refine.ls_abs_structure_Rogers_esd              ? 
_refine.ls_d_res_high                            0.95 
_refine.ls_d_res_low                             26.40 
_refine.ls_extinction_coef                       ? 
_refine.ls_extinction_coef_esd                   ? 
_refine.ls_extinction_expression                 ? 
_refine.ls_extinction_method                     ? 
_refine.ls_goodness_of_fit_all                   ? 
_refine.ls_goodness_of_fit_all_esd               ? 
_refine.ls_goodness_of_fit_obs                   ? 
_refine.ls_goodness_of_fit_obs_esd               ? 
_refine.ls_hydrogen_treatment                    ? 
_refine.ls_matrix_type                           ? 
_refine.ls_number_constraints                    ? 
_refine.ls_number_parameters                     ? 
_refine.ls_number_reflns_all                     ? 
_refine.ls_number_reflns_obs                     16039 
_refine.ls_number_reflns_R_free                  1607 
_refine.ls_number_reflns_R_work                  ? 
_refine.ls_number_restraints                     ? 
_refine.ls_percent_reflns_obs                    97.67 
_refine.ls_percent_reflns_R_free                 10.02 
_refine.ls_R_factor_all                          ? 
_refine.ls_R_factor_obs                          0.1705 
_refine.ls_R_factor_R_free                       0.1944 
_refine.ls_R_factor_R_free_error                 ? 
_refine.ls_R_factor_R_free_error_details         ? 
_refine.ls_R_factor_R_work                       0.1682 
_refine.ls_R_Fsqd_factor_obs                     ? 
_refine.ls_R_I_factor_obs                        ? 
_refine.ls_redundancy_reflns_all                 ? 
_refine.ls_redundancy_reflns_obs                 ? 
_refine.ls_restrained_S_all                      ? 
_refine.ls_restrained_S_obs                      ? 
_refine.ls_shift_over_esd_max                    ? 
_refine.ls_shift_over_esd_mean                   ? 
_refine.ls_structure_factor_coef                 ? 
_refine.ls_weighting_details                     ? 
_refine.ls_weighting_scheme                      ? 
_refine.ls_wR_factor_all                         ? 
_refine.ls_wR_factor_obs                         ? 
_refine.ls_wR_factor_R_free                      ? 
_refine.ls_wR_factor_R_work                      ? 
_refine.occupancy_max                            ? 
_refine.occupancy_min                            ? 
_refine.solvent_model_details                    'FLAT BULK SOLVENT MODEL' 
_refine.solvent_model_param_bsol                 ? 
_refine.solvent_model_param_ksol                 ? 
_refine.pdbx_R_complete                          ? 
_refine.ls_R_factor_gt                           ? 
_refine.ls_goodness_of_fit_gt                    ? 
_refine.ls_goodness_of_fit_ref                   ? 
_refine.ls_shift_over_su_max                     ? 
_refine.ls_shift_over_su_max_lt                  ? 
_refine.ls_shift_over_su_mean                    ? 
_refine.ls_shift_over_su_mean_lt                 ? 
_refine.pdbx_ls_sigma_I                          ? 
_refine.pdbx_ls_sigma_F                          0.17 
_refine.pdbx_ls_sigma_Fsqd                       ? 
_refine.pdbx_data_cutoff_high_absF               ? 
_refine.pdbx_data_cutoff_high_rms_absF           ? 
_refine.pdbx_data_cutoff_low_absF                ? 
_refine.pdbx_isotropic_thermal_model             ? 
_refine.pdbx_ls_cross_valid_method               THROUGHOUT 
_refine.pdbx_method_to_determine_struct          SAD 
_refine.pdbx_starting_model                      ? 
_refine.pdbx_stereochemistry_target_values       ML 
_refine.pdbx_R_Free_selection_details            ? 
_refine.pdbx_stereochem_target_val_spec_case     ? 
_refine.pdbx_overall_ESU_R                       ? 
_refine.pdbx_overall_ESU_R_Free                  ? 
_refine.pdbx_solvent_vdw_probe_radii             1.11 
_refine.pdbx_solvent_ion_probe_radii             ? 
_refine.pdbx_solvent_shrinkage_radii             0.90 
_refine.pdbx_real_space_R                        ? 
_refine.pdbx_density_correlation                 ? 
_refine.pdbx_pd_number_of_powder_patterns        ? 
_refine.pdbx_pd_number_of_points                 ? 
_refine.pdbx_pd_meas_number_of_points            ? 
_refine.pdbx_pd_proc_ls_prof_R_factor            ? 
_refine.pdbx_pd_proc_ls_prof_wR_factor           ? 
_refine.pdbx_pd_Marquardt_correlation_coeff      ? 
_refine.pdbx_pd_Fsqrd_R_factor                   ? 
_refine.pdbx_pd_ls_matrix_band_width             ? 
_refine.pdbx_overall_phase_error                 17.47 
_refine.pdbx_overall_SU_R_free_Cruickshank_DPI   ? 
_refine.pdbx_overall_SU_R_free_Blow_DPI          ? 
_refine.pdbx_overall_SU_R_Blow_DPI               ? 
_refine.pdbx_TLS_residual_ADP_flag               ? 
_refine.pdbx_diffrn_id                           1 
_refine.overall_SU_B                             ? 
_refine.overall_SU_ML                            0.09 
_refine.overall_SU_R_Cruickshank_DPI             ? 
_refine.overall_SU_R_free                        ? 
_refine.overall_FOM_free_R_set                   ? 
_refine.overall_FOM_work_R_set                   ? 
_refine.pdbx_average_fsc_overall                 ? 
_refine.pdbx_average_fsc_work                    ? 
_refine.pdbx_average_fsc_free                    ? 
# 
_refine_hist.pdbx_refine_id                   'X-RAY DIFFRACTION' 
_refine_hist.cycle_id                         LAST 
_refine_hist.details                          ? 
_refine_hist.d_res_high                       0.95 
_refine_hist.d_res_low                        26.40 
_refine_hist.number_atoms_solvent             47 
_refine_hist.number_atoms_total               215 
_refine_hist.number_reflns_all                ? 
_refine_hist.number_reflns_obs                ? 
_refine_hist.number_reflns_R_free             ? 
_refine_hist.number_reflns_R_work             ? 
_refine_hist.R_factor_all                     ? 
_refine_hist.R_factor_obs                     ? 
_refine_hist.R_factor_R_free                  ? 
_refine_hist.R_factor_R_work                  ? 
_refine_hist.pdbx_number_residues_total       ? 
_refine_hist.pdbx_B_iso_mean_ligand           ? 
_refine_hist.pdbx_B_iso_mean_solvent          ? 
_refine_hist.pdbx_number_atoms_protein        0 
_refine_hist.pdbx_number_atoms_nucleic_acid   168 
_refine_hist.pdbx_number_atoms_ligand         0 
_refine_hist.pdbx_number_atoms_lipid          ? 
_refine_hist.pdbx_number_atoms_carb           ? 
_refine_hist.pdbx_pseudo_atom_details         ? 
# 
loop_
_refine_ls_restr.pdbx_refine_id 
_refine_ls_restr.criterion 
_refine_ls_restr.dev_ideal 
_refine_ls_restr.dev_ideal_target 
_refine_ls_restr.number 
_refine_ls_restr.rejects 
_refine_ls_restr.type 
_refine_ls_restr.weight 
_refine_ls_restr.pdbx_restraint_function 
'X-RAY DIFFRACTION' ? 0.006  ? 233 ? f_bond_d           ? ? 
'X-RAY DIFFRACTION' ? 2.134  ? 359 ? f_angle_d          ? ? 
'X-RAY DIFFRACTION' ? 26.916 ? 104 ? f_dihedral_angle_d ? ? 
'X-RAY DIFFRACTION' ? 0.067  ? 38  ? f_chiral_restr     ? ? 
'X-RAY DIFFRACTION' ? 0.012  ? 12  ? f_plane_restr      ? ? 
# 
loop_
_refine_ls_shell.pdbx_refine_id 
_refine_ls_shell.d_res_high 
_refine_ls_shell.d_res_low 
_refine_ls_shell.number_reflns_all 
_refine_ls_shell.number_reflns_obs 
_refine_ls_shell.number_reflns_R_free 
_refine_ls_shell.number_reflns_R_work 
_refine_ls_shell.percent_reflns_obs 
_refine_ls_shell.percent_reflns_R_free 
_refine_ls_shell.R_factor_all 
_refine_ls_shell.R_factor_obs 
_refine_ls_shell.R_factor_R_free_error 
_refine_ls_shell.R_factor_R_work 
_refine_ls_shell.redundancy_reflns_all 
_refine_ls_shell.redundancy_reflns_obs 
_refine_ls_shell.wR_factor_all 
_refine_ls_shell.wR_factor_obs 
_refine_ls_shell.wR_factor_R_free 
_refine_ls_shell.wR_factor_R_work 
_refine_ls_shell.pdbx_R_complete 
_refine_ls_shell.pdbx_total_number_of_bins_used 
_refine_ls_shell.pdbx_phase_error 
_refine_ls_shell.pdbx_fsc_work 
_refine_ls_shell.pdbx_fsc_free 
_refine_ls_shell.R_factor_R_free 
'X-RAY DIFFRACTION' 0.95 0.98 . . 127 1129 87.00  . . . . 0.2854 . . . . . . . . . . . 0.2879 
'X-RAY DIFFRACTION' 0.98 1.02 . . 136 1225 94.00  . . . . 0.2031 . . . . . . . . . . . 0.2231 
'X-RAY DIFFRACTION' 1.02 1.06 . . 144 1267 97.00  . . . . 0.1979 . . . . . . . . . . . 0.1897 
'X-RAY DIFFRACTION' 1.06 1.11 . . 141 1286 98.00  . . . . 0.1487 . . . . . . . . . . . 0.1674 
'X-RAY DIFFRACTION' 1.11 1.16 . . 142 1308 99.00  . . . . 0.1257 . . . . . . . . . . . 0.1301 
'X-RAY DIFFRACTION' 1.16 1.24 . . 147 1328 100.00 . . . . 0.1312 . . . . . . . . . . . 0.1653 
'X-RAY DIFFRACTION' 1.24 1.33 . . 148 1313 100.00 . . . . 0.1431 . . . . . . . . . . . 0.1690 
'X-RAY DIFFRACTION' 1.33 1.47 . . 149 1352 100.00 . . . . 0.1437 . . . . . . . . . . . 0.1726 
'X-RAY DIFFRACTION' 1.47 1.68 . . 149 1341 100.00 . . . . 0.1371 . . . . . . . . . . . 0.1581 
'X-RAY DIFFRACTION' 1.68 2.11 . . 156 1386 100.00 . . . . 0.1506 . . . . . . . . . . . 0.1615 
'X-RAY DIFFRACTION' 2.11 10   . . 168 1497 100.00 . . . . 0.1939 . . . . . . . . . . . 0.2306 
# 
_struct.entry_id                     8I50 
_struct.title                        'Crystal structure of DNA octamer containing GuNA[Me,Me]' 
_struct.pdbx_model_details           ? 
_struct.pdbx_formula_weight          ? 
_struct.pdbx_formula_weight_method   ? 
_struct.pdbx_model_type_details      ? 
_struct.pdbx_CASP_flag               N 
# 
_struct_keywords.entry_id        8I50 
_struct_keywords.text            'DNA, OLIGONUCLEOTIDE, MODIFIED BASE' 
_struct_keywords.pdbx_keywords   DNA 
# 
loop_
_struct_asym.id 
_struct_asym.pdbx_blank_PDB_chainid_flag 
_struct_asym.pdbx_modified 
_struct_asym.entity_id 
_struct_asym.details 
A N N 1 ? 
B N N 2 ? 
# 
loop_
_struct_conn.id 
_struct_conn.conn_type_id 
_struct_conn.pdbx_leaving_atom_flag 
_struct_conn.pdbx_PDB_id 
_struct_conn.ptnr1_label_asym_id 
_struct_conn.ptnr1_label_comp_id 
_struct_conn.ptnr1_label_seq_id 
_struct_conn.ptnr1_label_atom_id 
_struct_conn.pdbx_ptnr1_label_alt_id 
_struct_conn.pdbx_ptnr1_PDB_ins_code 
_struct_conn.pdbx_ptnr1_standard_comp_id 
_struct_conn.ptnr1_symmetry 
_struct_conn.ptnr2_label_asym_id 
_struct_conn.ptnr2_label_comp_id 
_struct_conn.ptnr2_label_seq_id 
_struct_conn.ptnr2_label_atom_id 
_struct_conn.pdbx_ptnr2_label_alt_id 
_struct_conn.pdbx_ptnr2_PDB_ins_code 
_struct_conn.ptnr1_auth_asym_id 
_struct_conn.ptnr1_auth_comp_id 
_struct_conn.ptnr1_auth_seq_id 
_struct_conn.ptnr2_auth_asym_id 
_struct_conn.ptnr2_auth_comp_id 
_struct_conn.ptnr2_auth_seq_id 
_struct_conn.ptnr2_symmetry 
_struct_conn.pdbx_ptnr3_label_atom_id 
_struct_conn.pdbx_ptnr3_label_seq_id 
_struct_conn.pdbx_ptnr3_label_comp_id 
_struct_conn.pdbx_ptnr3_label_asym_id 
_struct_conn.pdbx_ptnr3_label_alt_id 
_struct_conn.pdbx_ptnr3_PDB_ins_code 
_struct_conn.details 
_struct_conn.pdbx_dist_value 
_struct_conn.pdbx_value_order 
_struct_conn.pdbx_role 
covale1  covale both ? A DG  1 "O3'" ? ? ? 1_555 A OIQ 2 P  ? ? A DG  1 A OIQ 2 1_555  ? ? ? ? ? ? ?            1.604 ? ? 
covale2  covale both ? A OIQ 2 "O3'" ? ? ? 1_555 A DG  3 P  ? ? A OIQ 2 A DG  3 1_555  ? ? ? ? ? ? ?            1.614 ? ? 
covale3  covale both ? A DG  3 "O3'" ? ? ? 1_555 A BRU 4 P  ? ? A DG  3 A BRU 4 1_555  ? ? ? ? ? ? ?            1.607 ? ? 
covale4  covale both ? A BRU 4 "O3'" ? ? ? 1_555 A DA  5 P  ? ? A BRU 4 A DA  5 1_555  ? ? ? ? ? ? ?            1.603 ? ? 
hydrog1  hydrog ?    ? A DG  1 N1    ? ? ? 1_555 A DC  8 N3 A ? A DG  1 A DC  8 10_665 ? ? ? ? ? ? WATSON-CRICK ?     ? ? 
hydrog2  hydrog ?    ? A DG  1 N1    ? ? ? 1_555 A DC  8 N3 B ? A DG  1 A DC  8 10_665 ? ? ? ? ? ? WATSON-CRICK ?     ? ? 
hydrog3  hydrog ?    ? A DG  1 N2    ? ? ? 1_555 A DC  8 O2 A ? A DG  1 A DC  8 10_665 ? ? ? ? ? ? WATSON-CRICK ?     ? ? 
hydrog4  hydrog ?    ? A DG  1 N2    ? ? ? 1_555 A DC  8 O2 B ? A DG  1 A DC  8 10_665 ? ? ? ? ? ? WATSON-CRICK ?     ? ? 
hydrog5  hydrog ?    ? A DG  1 O6    ? ? ? 1_555 A DC  8 N4 A ? A DG  1 A DC  8 10_665 ? ? ? ? ? ? WATSON-CRICK ?     ? ? 
hydrog6  hydrog ?    ? A DG  1 O6    ? ? ? 1_555 A DC  8 N4 B ? A DG  1 A DC  8 10_665 ? ? ? ? ? ? WATSON-CRICK ?     ? ? 
hydrog7  hydrog ?    ? A DG  3 N1    ? ? ? 1_555 A DC  6 N3 ? ? A DG  3 A DC  6 10_665 ? ? ? ? ? ? WATSON-CRICK ?     ? ? 
hydrog8  hydrog ?    ? A DG  3 N2    ? ? ? 1_555 A DC  6 O2 ? ? A DG  3 A DC  6 10_665 ? ? ? ? ? ? WATSON-CRICK ?     ? ? 
hydrog9  hydrog ?    ? A DG  3 O6    ? ? ? 1_555 A DC  6 N4 ? ? A DG  3 A DC  6 10_665 ? ? ? ? ? ? WATSON-CRICK ?     ? ? 
hydrog10 hydrog ?    ? A BRU 4 N3    ? ? ? 1_555 A DA  5 N1 ? ? A BRU 4 A DA  5 10_665 ? ? ? ? ? ? WATSON-CRICK ?     ? ? 
hydrog11 hydrog ?    ? A BRU 4 O4    ? ? ? 1_555 A DA  5 N6 ? ? A BRU 4 A DA  5 10_665 ? ? ? ? ? ? WATSON-CRICK ?     ? ? 
hydrog12 hydrog ?    ? A DA  5 N1    ? ? ? 1_555 A BRU 4 N3 ? ? A DA  5 A BRU 4 10_665 ? ? ? ? ? ? WATSON-CRICK ?     ? ? 
hydrog13 hydrog ?    ? A DA  5 N6    ? ? ? 1_555 A BRU 4 O4 ? ? A DA  5 A BRU 4 10_665 ? ? ? ? ? ? WATSON-CRICK ?     ? ? 
hydrog14 hydrog ?    ? A DC  6 N3    ? ? ? 1_555 A DG  3 N1 ? ? A DC  6 A DG  3 10_665 ? ? ? ? ? ? WATSON-CRICK ?     ? ? 
hydrog15 hydrog ?    ? A DC  6 N4    ? ? ? 1_555 A DG  3 O6 ? ? A DC  6 A DG  3 10_665 ? ? ? ? ? ? WATSON-CRICK ?     ? ? 
hydrog16 hydrog ?    ? A DC  6 O2    ? ? ? 1_555 A DG  3 N2 ? ? A DC  6 A DG  3 10_665 ? ? ? ? ? ? WATSON-CRICK ?     ? ? 
hydrog17 hydrog ?    ? A DC  8 N3    A ? ? 1_555 A DG  1 N1 ? ? A DC  8 A DG  1 10_665 ? ? ? ? ? ? WATSON-CRICK ?     ? ? 
hydrog18 hydrog ?    ? A DC  8 N3    B ? ? 1_555 A DG  1 N1 ? ? A DC  8 A DG  1 10_665 ? ? ? ? ? ? WATSON-CRICK ?     ? ? 
hydrog19 hydrog ?    ? A DC  8 N4    A ? ? 1_555 A DG  1 O6 ? ? A DC  8 A DG  1 10_665 ? ? ? ? ? ? WATSON-CRICK ?     ? ? 
hydrog20 hydrog ?    ? A DC  8 N4    B ? ? 1_555 A DG  1 O6 ? ? A DC  8 A DG  1 10_665 ? ? ? ? ? ? WATSON-CRICK ?     ? ? 
hydrog21 hydrog ?    ? A DC  8 O2    A ? ? 1_555 A DG  1 N2 ? ? A DC  8 A DG  1 10_665 ? ? ? ? ? ? WATSON-CRICK ?     ? ? 
hydrog22 hydrog ?    ? A DC  8 O2    B ? ? 1_555 A DG  1 N2 ? ? A DC  8 A DG  1 10_665 ? ? ? ? ? ? WATSON-CRICK ?     ? ? 
# 
loop_
_struct_conn_type.id 
_struct_conn_type.criteria 
_struct_conn_type.reference 
covale ? ? 
hydrog ? ? 
# 
_atom_sites.entry_id                    8I50 
_atom_sites.Cartn_transf_matrix[1][1]   ? 
_atom_sites.Cartn_transf_matrix[1][2]   ? 
_atom_sites.Cartn_transf_matrix[1][3]   ? 
_atom_sites.Cartn_transf_matrix[2][1]   ? 
_atom_sites.Cartn_transf_matrix[2][2]   ? 
_atom_sites.Cartn_transf_matrix[2][3]   ? 
_atom_sites.Cartn_transf_matrix[3][1]   ? 
_atom_sites.Cartn_transf_matrix[3][2]   ? 
_atom_sites.Cartn_transf_matrix[3][3]   ? 
_atom_sites.Cartn_transf_vector[1]      ? 
_atom_sites.Cartn_transf_vector[2]      ? 
_atom_sites.Cartn_transf_vector[3]      ? 
_atom_sites.fract_transf_matrix[1][1]   -0.03407409 
_atom_sites.fract_transf_matrix[1][2]   -0.01088276 
_atom_sites.fract_transf_matrix[1][3]   0.00108896 
_atom_sites.fract_transf_matrix[2][1]   -0.00799896 
_atom_sites.fract_transf_matrix[2][2]   -0.03438283 
_atom_sites.fract_transf_matrix[2][3]   -0.00587765 
_atom_sites.fract_transf_matrix[3][1]   0.00113337 
_atom_sites.fract_transf_matrix[3][2]   -0.00233574 
_atom_sites.fract_transf_matrix[3][3]   0.01212108 
_atom_sites.fract_transf_vector[1]      0.669589 
_atom_sites.fract_transf_vector[2]      0.540053 
_atom_sites.fract_transf_vector[3]      0.427430 
_atom_sites.solution_primary            ? 
_atom_sites.solution_secondary          ? 
_atom_sites.solution_hydrogens          ? 
_atom_sites.special_details             ? 
# 
loop_
_atom_type.symbol 
BR 
C  
N  
O  
P  
# 
loop_
_atom_site.group_PDB 
_atom_site.id 
_atom_site.type_symbol 
_atom_site.label_atom_id 
_atom_site.label_alt_id 
_atom_site.label_comp_id 
_atom_site.label_asym_id 
_atom_site.label_entity_id 
_atom_site.label_seq_id 
_atom_site.pdbx_PDB_ins_code 
_atom_site.Cartn_x 
_atom_site.Cartn_y 
_atom_site.Cartn_z 
_atom_site.occupancy 
_atom_site.B_iso_or_equiv 
_atom_site.pdbx_formal_charge 
_atom_site.auth_seq_id 
_atom_site.auth_comp_id 
_atom_site.auth_asym_id 
_atom_site.auth_atom_id 
_atom_site.pdbx_PDB_model_num 
ATOM   1   O  "O5'" . DG  A 1 1 ? -1.348 13.939  -1.719  1.00 15.95 ? 1   DG  A "O5'" 1 
ATOM   2   C  "C5'" . DG  A 1 1 ? -2.426 14.770  -2.119  1.00 14.79 ? 1   DG  A "C5'" 1 
ATOM   3   C  "C4'" . DG  A 1 1 ? -2.605 14.738  -3.624  1.00 12.90 ? 1   DG  A "C4'" 1 
ATOM   4   O  "O4'" . DG  A 1 1 ? -1.419 15.267  -4.260  1.00 13.09 ? 1   DG  A "O4'" 1 
ATOM   5   C  "C3'" . DG  A 1 1 ? -2.802 13.354  -4.217  1.00 12.94 ? 1   DG  A "C3'" 1 
ATOM   6   O  "O3'" . DG  A 1 1 ? -4.187 13.035  -4.241  1.00 13.29 ? 1   DG  A "O3'" 1 
ATOM   7   C  "C2'" . DG  A 1 1 ? -2.232 13.508  -5.620  1.00 12.76 ? 1   DG  A "C2'" 1 
ATOM   8   C  "C1'" . DG  A 1 1 ? -1.069 14.456  -5.368  1.00 12.63 ? 1   DG  A "C1'" 1 
ATOM   9   N  N9    . DG  A 1 1 ? 0.203  13.794  -5.071  1.00 12.32 ? 1   DG  A N9    1 
ATOM   10  C  C8    . DG  A 1 1 ? 0.978  13.966  -3.946  1.00 13.37 ? 1   DG  A C8    1 
ATOM   11  N  N7    . DG  A 1 1 ? 2.091  13.286  -3.973  1.00 13.34 ? 1   DG  A N7    1 
ATOM   12  C  C5    . DG  A 1 1 ? 2.064  12.641  -5.202  1.00 12.73 ? 1   DG  A C5    1 
ATOM   13  C  C6    . DG  A 1 1 ? 3.001  11.765  -5.791  1.00 12.75 ? 1   DG  A C6    1 
ATOM   14  O  O6    . DG  A 1 1 ? 4.084  11.382  -5.331  1.00 13.95 ? 1   DG  A O6    1 
ATOM   15  N  N1    . DG  A 1 1 ? 2.584  11.333  -7.048  1.00 12.56 ? 1   DG  A N1    1 
ATOM   16  C  C2    . DG  A 1 1 ? 1.410  11.702  -7.657  1.00 12.17 ? 1   DG  A C2    1 
ATOM   17  N  N2    . DG  A 1 1 ? 1.176  11.184  -8.870  1.00 12.76 ? 1   DG  A N2    1 
ATOM   18  N  N3    . DG  A 1 1 ? 0.525  12.524  -7.117  1.00 11.94 ? 1   DG  A N3    1 
ATOM   19  C  C4    . DG  A 1 1 ? 0.912  12.947  -5.893  1.00 12.35 ? 1   DG  A C4    1 
HETATM 20  N  N1    . OIQ A 1 2 ? -0.784 9.083   -7.037  1.00 11.98 ? 2   OIQ A N1    1 
HETATM 21  C  C4    . OIQ A 1 2 ? 1.286  8.777   -5.220  1.00 11.87 ? 2   OIQ A C4    1 
HETATM 22  C  C5    . OIQ A 1 2 ? 0.108  9.591   -4.874  1.00 12.20 ? 2   OIQ A C5    1 
HETATM 23  C  C6    . OIQ A 1 2 ? -0.882 9.701   -5.839  1.00 12.09 ? 2   OIQ A C6    1 
HETATM 24  C  C2    . OIQ A 1 2 ? 0.347  8.310   -7.337  1.00 11.86 ? 2   OIQ A C2    1 
HETATM 25  C  CD    . OIQ A 1 2 ? -4.134 7.544   -10.181 1.00 14.06 ? 2   OIQ A CD    1 
HETATM 26  C  "C1'" . OIQ A 1 2 ? -1.826 9.243   -8.071  1.00 12.85 ? 2   OIQ A "C1'" 1 
HETATM 27  C  "C2'" . OIQ A 1 2 ? -2.858 8.126   -8.115  1.00 13.28 ? 2   OIQ A "C2'" 1 
HETATM 28  C  "C3'" . OIQ A 1 2 ? -3.733 8.545   -6.981  1.00 13.79 ? 2   OIQ A "C3'" 1 
HETATM 29  C  "C4'" . OIQ A 1 2 ? -3.925 9.936   -7.559  1.00 13.63 ? 2   OIQ A "C4'" 1 
HETATM 30  C  "C5'" . OIQ A 1 2 ? -4.711 10.890  -6.681  1.00 15.05 ? 2   OIQ A "C5'" 1 
HETATM 31  C  C5M   . OIQ A 1 2 ? 0.010  10.270  -3.532  1.00 13.28 ? 2   OIQ A C5M   1 
HETATM 32  C  "C6'" . OIQ A 1 2 ? -4.437 9.701   -8.967  1.00 14.81 ? 2   OIQ A "C6'" 1 
HETATM 33  C  "C7'" . OIQ A 1 2 ? -5.926 6.677   -11.610 1.00 18.53 ? 2   OIQ A "C7'" 1 
HETATM 34  C  "C8'" . OIQ A 1 2 ? -1.873 6.946   -11.000 1.00 15.60 ? 2   OIQ A "C8'" 1 
HETATM 35  N  "N2'" . OIQ A 1 2 ? -3.806 8.410   -9.212  1.00 14.81 ? 2   OIQ A "N2'" 1 
HETATM 36  N  N3    . OIQ A 1 2 ? 1.331  8.204   -6.432  1.00 11.79 ? 2   OIQ A N3    1 
HETATM 37  N  "N3'" . OIQ A 1 2 ? -5.337 7.529   -10.584 1.00 15.87 ? 2   OIQ A "N3'" 1 
HETATM 38  N  "N4'" . OIQ A 1 2 ? -3.272 6.681   -10.719 1.00 14.84 ? 2   OIQ A "N4'" 1 
HETATM 39  O  O2    . OIQ A 1 2 ? 0.418  7.737   -8.447  1.00 13.14 ? 2   OIQ A O2    1 
HETATM 40  O  "O3'" . OIQ A 1 2 ? -4.917 7.750   -6.963  1.00 16.37 ? 2   OIQ A "O3'" 1 
HETATM 41  O  O4    . OIQ A 1 2 ? 2.233  8.634   -4.413  1.00 13.03 ? 2   OIQ A O4    1 
HETATM 42  O  "O4'" . OIQ A 1 2 ? -2.588 10.397  -7.731  1.00 13.65 ? 2   OIQ A "O4'" 1 
HETATM 43  O  "O5'" . OIQ A 1 2 ? -4.070 10.804  -5.414  1.00 15.39 ? 2   OIQ A "O5'" 1 
HETATM 44  O  OP1   . OIQ A 1 2 ? -6.163 11.469  -4.106  1.00 15.35 ? 2   OIQ A OP1   1 
HETATM 45  O  OP2   . OIQ A 1 2 ? -4.004 10.891  -2.898  1.00 15.76 ? 2   OIQ A OP2   1 
HETATM 46  P  P     . OIQ A 1 2 ? -4.658 11.508  -4.106  1.00 13.86 ? 2   OIQ A P     1 
ATOM   47  P  P     . DG  A 1 3 ? -5.016 6.433   -6.035  1.00 17.28 ? 3   DG  A P     1 
ATOM   48  O  OP1   . DG  A 1 3 ? -6.411 5.951   -6.112  1.00 19.60 ? 3   DG  A OP1   1 
ATOM   49  O  OP2   . DG  A 1 3 ? -4.423 6.715   -4.715  1.00 20.27 ? 3   DG  A OP2   1 
ATOM   50  O  "O5'" . DG  A 1 3 ? -3.970 5.386   -6.636  1.00 19.24 ? 3   DG  A "O5'" 1 
ATOM   51  C  "C5'" . DG  A 1 3 ? -4.292 4.588   -7.736  1.00 16.59 ? 3   DG  A "C5'" 1 
ATOM   52  C  "C4'" . DG  A 1 3 ? -3.029 4.070   -8.384  1.00 13.27 ? 3   DG  A "C4'" 1 
ATOM   53  O  "O4'" . DG  A 1 3 ? -1.978 5.038   -8.213  1.00 12.57 ? 3   DG  A "O4'" 1 
ATOM   54  C  "C3'" . DG  A 1 3 ? -2.479 2.789   -7.793  1.00 13.47 ? 3   DG  A "C3'" 1 
ATOM   55  O  "O3'" . DG  A 1 3 ? -3.113 1.693   -8.427  1.00 15.08 ? 3   DG  A "O3'" 1 
ATOM   56  C  "C2'" . DG  A 1 3 ? -1.006 2.876   -8.167  1.00 13.47 ? 3   DG  A "C2'" 1 
ATOM   57  C  "C1'" . DG  A 1 3 ? -0.744 4.370   -8.046  1.00 11.69 ? 3   DG  A "C1'" 1 
ATOM   58  N  N9    . DG  A 1 3 ? -0.154 4.787   -6.777  1.00 11.65 ? 3   DG  A N9    1 
ATOM   59  C  C8    . DG  A 1 3 ? -0.725 5.565   -5.797  1.00 11.73 ? 3   DG  A C8    1 
ATOM   60  N  N7    . DG  A 1 3 ? 0.078  5.811   -4.795  1.00 11.90 ? 3   DG  A N7    1 
ATOM   61  C  C5    . DG  A 1 3 ? 1.261  5.171   -5.145  1.00 11.22 ? 3   DG  A C5    1 
ATOM   62  C  C6    . DG  A 1 3 ? 2.502  5.092   -4.465  1.00 11.27 ? 3   DG  A C6    1 
ATOM   63  O  O6    . DG  A 1 3 ? 2.824  5.590   -3.379  1.00 11.75 ? 3   DG  A O6    1 
ATOM   64  N  N1    . DG  A 1 3 ? 3.429  4.342   -5.177  1.00 10.12 ? 3   DG  A N1    1 
ATOM   65  C  C2    . DG  A 1 3 ? 3.194  3.749   -6.393  1.00 10.24 ? 3   DG  A C2    1 
ATOM   66  N  N2    . DG  A 1 3 ? 4.210  3.054   -6.921  1.00 11.14 ? 3   DG  A N2    1 
ATOM   67  N  N3    . DG  A 1 3 ? 2.039  3.817   -7.042  1.00 10.50 ? 3   DG  A N3    1 
ATOM   68  C  C4    . DG  A 1 3 ? 1.128  4.545   -6.364  1.00 10.69 ? 3   DG  A C4    1 
HETATM 69  N  N1    . BRU A 1 4 ? 1.722  0.206   -5.946  1.00 13.65 ? 4   BRU A N1    1 
HETATM 70  C  C2    . BRU A 1 4 ? 2.829  0.431   -5.107  1.00 14.03 ? 4   BRU A C2    1 
HETATM 71  N  N3    . BRU A 1 4 ? 2.711  1.229   -4.035  1.00 13.59 ? 4   BRU A N3    1 
HETATM 72  C  C4    . BRU A 1 4 ? 1.570  1.838   -3.720  1.00 13.58 ? 4   BRU A C4    1 
HETATM 73  C  C5    . BRU A 1 4 ? 0.400  1.600   -4.581  1.00 13.20 ? 4   BRU A C5    1 
HETATM 74  C  C6    . BRU A 1 4 ? 0.538  0.777   -5.686  1.00 13.55 ? 4   BRU A C6    1 
HETATM 75  O  O2    . BRU A 1 4 ? 3.911  -0.147  -5.367  1.00 15.18 ? 4   BRU A O2    1 
HETATM 76  O  O4    . BRU A 1 4 ? 1.505  2.586   -2.720  1.00 14.12 ? 4   BRU A O4    1 
HETATM 77  BR BR    . BRU A 1 4 ? -1.242 2.411   -4.152  0.58 14.69 ? 4   BRU A BR    1 
HETATM 78  C  "C1'" . BRU A 1 4 ? 1.899  -0.637  -7.129  1.00 15.38 ? 4   BRU A "C1'" 1 
HETATM 79  C  "C2'" . BRU A 1 4 ? 1.673  -2.094  -6.793  1.00 15.20 ? 4   BRU A "C2'" 1 
HETATM 80  C  "C3'" . BRU A 1 4 ? 0.221  -2.249  -7.183  1.00 14.55 ? 4   BRU A "C3'" 1 
HETATM 81  C  "C4'" . BRU A 1 4 ? 0.115  -1.380  -8.421  1.00 15.77 ? 4   BRU A "C4'" 1 
HETATM 82  O  "O3'" . BRU A 1 4 ? -0.130 -3.601  -7.437  1.00 15.61 ? 4   BRU A "O3'" 1 
HETATM 83  O  "O4'" . BRU A 1 4 ? 0.922  -0.248  -8.105  1.00 15.79 ? 4   BRU A "O4'" 1 
HETATM 84  C  "C5'" . BRU A 1 4 ? -1.307 -0.946  -8.742  1.00 16.25 ? 4   BRU A "C5'" 1 
HETATM 85  O  "O5'" . BRU A 1 4 ? -1.875 -0.353  -7.582  1.00 15.11 ? 4   BRU A "O5'" 1 
HETATM 86  P  P     . BRU A 1 4 ? -3.335 0.307   -7.645  1.00 15.58 ? 4   BRU A P     1 
HETATM 87  O  OP1   . BRU A 1 4 ? -4.198 -0.524  -8.554  1.00 18.54 ? 4   BRU A OP1   1 
HETATM 88  O  OP2   . BRU A 1 4 ? -3.755 0.560   -6.222  1.00 15.98 ? 4   BRU A OP2   1 
ATOM   89  P  P     . DA  A 1 5 ? -0.666 -4.520  -6.238  1.00 14.27 ? 5   DA  A P     1 
ATOM   90  O  OP1   . DA  A 1 5 ? -1.103 -5.786  -6.866  1.00 16.62 ? 5   DA  A OP1   1 
ATOM   91  O  OP2   . DA  A 1 5 ? -1.609 -3.769  -5.390  1.00 15.22 ? 5   DA  A OP2   1 
ATOM   92  O  "O5'" . DA  A 1 5 ? 0.625  -4.767  -5.336  1.00 13.06 ? 5   DA  A "O5'" 1 
ATOM   93  C  "C5'" . DA  A 1 5 ? 1.663  -5.594  -5.803  1.00 13.06 ? 5   DA  A "C5'" 1 
ATOM   94  C  "C4'" . DA  A 1 5 ? 2.826  -5.568  -4.842  1.00 12.32 ? 5   DA  A "C4'" 1 
ATOM   95  O  "O4'" . DA  A 1 5 ? 3.377  -4.235  -4.765  1.00 12.36 ? 5   DA  A "O4'" 1 
ATOM   96  C  "C3'" . DA  A 1 5 ? 2.489  -5.905  -3.407  1.00 11.87 ? 5   DA  A "C3'" 1 
ATOM   97  O  "O3'" . DA  A 1 5 ? 2.366  -7.315  -3.243  1.00 12.90 ? 5   DA  A "O3'" 1 
ATOM   98  C  "C2'" . DA  A 1 5 ? 3.706  -5.343  -2.697  1.00 12.56 ? 5   DA  A "C2'" 1 
ATOM   99  C  "C1'" . DA  A 1 5 ? 3.878  -4.028  -3.451  1.00 12.25 ? 5   DA  A "C1'" 1 
ATOM   100 N  N9    . DA  A 1 5 ? 3.141  -2.926  -2.844  1.00 12.71 ? 5   DA  A N9    1 
ATOM   101 C  C8    . DA  A 1 5 ? 1.885  -2.482  -3.165  1.00 13.09 ? 5   DA  A C8    1 
ATOM   102 N  N7    . DA  A 1 5 ? 1.483  -1.461  -2.440  1.00 12.77 ? 5   DA  A N7    1 
ATOM   103 C  C5    . DA  A 1 5 ? 2.550  -1.222  -1.595  1.00 12.43 ? 5   DA  A C5    1 
ATOM   104 C  C6    . DA  A 1 5 ? 2.755  -0.272  -0.582  1.00 13.10 ? 5   DA  A C6    1 
ATOM   105 N  N6    . DA  A 1 5 ? 1.851  0.660   -0.258  1.00 13.70 ? 5   DA  A N6    1 
ATOM   106 N  N1    . DA  A 1 5 ? 3.931  -0.314  0.080   1.00 13.92 ? 5   DA  A N1    1 
ATOM   107 C  C2    . DA  A 1 5 ? 4.830  -1.252  -0.251  1.00 13.78 ? 5   DA  A C2    1 
ATOM   108 N  N3    . DA  A 1 5 ? 4.748  -2.193  -1.186  1.00 13.51 ? 5   DA  A N3    1 
ATOM   109 C  C4    . DA  A 1 5 ? 3.575  -2.120  -1.826  1.00 12.46 ? 5   DA  A C4    1 
ATOM   110 P  P     . DC  A 1 6 ? 1.331  -7.906  -2.169  1.00 13.07 ? 6   DC  A P     1 
ATOM   111 O  OP1   . DC  A 1 6 ? 1.275  -9.370  -2.396  1.00 14.88 ? 6   DC  A OP1   1 
ATOM   112 O  OP2   . DC  A 1 6 ? 0.084  -7.114  -2.204  1.00 14.45 ? 6   DC  A OP2   1 
ATOM   113 O  "O5'" . DC  A 1 6 ? 2.013  -7.598  -0.760  1.00 12.06 ? 6   DC  A "O5'" 1 
ATOM   114 C  "C5'" . DC  A 1 6 ? 3.217  -8.240  -0.383  1.00 11.96 ? 6   DC  A "C5'" 1 
ATOM   115 C  "C4'" . DC  A 1 6 ? 3.833  -7.538  0.813   1.00 11.83 ? 6   DC  A "C4'" 1 
ATOM   116 O  "O4'" . DC  A 1 6 ? 4.072  -6.148  0.490   1.00 11.49 ? 6   DC  A "O4'" 1 
ATOM   117 C  "C3'" . DC  A 1 6 ? 2.975  -7.499  2.068   1.00 11.62 ? 6   DC  A "C3'" 1 
ATOM   118 O  "O3'" . DC  A 1 6 ? 3.119  -8.729  2.775   1.00 12.40 ? 6   DC  A "O3'" 1 
ATOM   119 C  "C2'" . DC  A 1 6 ? 3.607  -6.325  2.809   1.00 11.87 ? 6   DC  A "C2'" 1 
ATOM   120 C  "C1'" . DC  A 1 6 ? 3.915  -5.363  1.656   1.00 11.32 ? 6   DC  A "C1'" 1 
ATOM   121 N  N1    . DC  A 1 6 ? 2.835  -4.370  1.441   1.00 11.05 ? 6   DC  A N1    1 
ATOM   122 C  C2    . DC  A 1 6 ? 2.863  -3.202  2.194   1.00 10.53 ? 6   DC  A C2    1 
ATOM   123 O  O2    . DC  A 1 6 ? 3.803  -3.028  2.989   1.00 11.70 ? 6   DC  A O2    1 
ATOM   124 N  N3    . DC  A 1 6 ? 1.875  -2.286  2.033   1.00 10.47 ? 6   DC  A N3    1 
ATOM   125 C  C4    . DC  A 1 6 ? 0.885  -2.520  1.167   1.00 10.61 ? 6   DC  A C4    1 
ATOM   126 N  N4    . DC  A 1 6 ? -0.071 -1.595  1.042   1.00 11.68 ? 6   DC  A N4    1 
ATOM   127 C  C5    . DC  A 1 6 ? 0.828  -3.720  0.396   1.00 10.97 ? 6   DC  A C5    1 
ATOM   128 C  C6    . DC  A 1 6 ? 1.816  -4.614  0.561   1.00 11.30 ? 6   DC  A C6    1 
ATOM   129 P  P     A DA  A 1 7 ? 2.074  -9.168  3.917   0.57 12.51 ? 7   DA  A P     1 
ATOM   130 P  P     B DA  A 1 7 ? 2.081  -9.156  3.923   0.43 12.81 ? 7   DA  A P     1 
ATOM   131 O  OP1   A DA  A 1 7 ? 2.326  -10.608 4.156   0.57 14.05 ? 7   DA  A OP1   1 
ATOM   132 O  OP1   B DA  A 1 7 ? 2.451  -10.532 4.326   0.43 15.05 ? 7   DA  A OP1   1 
ATOM   133 O  OP2   A DA  A 1 7 ? 0.712  -8.706  3.570   0.57 13.01 ? 7   DA  A OP2   1 
ATOM   134 O  OP2   B DA  A 1 7 ? 0.706  -8.869  3.466   0.43 15.01 ? 7   DA  A OP2   1 
ATOM   135 O  "O5'" A DA  A 1 7 ? 2.508  -8.322  5.198   0.57 12.05 ? 7   DA  A "O5'" 1 
ATOM   136 O  "O5'" B DA  A 1 7 ? 2.415  -8.169  5.128   0.43 12.93 ? 7   DA  A "O5'" 1 
ATOM   137 C  "C5'" A DA  A 1 7 ? 3.829  -8.379  5.685   0.57 12.20 ? 7   DA  A "C5'" 1 
ATOM   138 C  "C5'" B DA  A 1 7 ? 3.642  -8.284  5.819   0.43 12.10 ? 7   DA  A "C5'" 1 
ATOM   139 C  "C4'" A DA  A 1 7 ? 4.003  -7.393  6.821   0.57 12.37 ? 7   DA  A "C4'" 1 
ATOM   140 C  "C4'" B DA  A 1 7 ? 3.596  -7.480  7.099   0.43 11.28 ? 7   DA  A "C4'" 1 
ATOM   141 O  "O4'" A DA  A 1 7 ? 3.590  -6.074  6.381   0.57 11.73 ? 7   DA  A "O4'" 1 
ATOM   142 O  "O4'" B DA  A 1 7 ? 3.309  -6.096  6.780   0.43 11.24 ? 7   DA  A "O4'" 1 
ATOM   143 C  "C3'" A DA  A 1 7 ? 3.179  -7.696  8.063   0.57 13.39 ? 7   DA  A "C3'" 1 
ATOM   144 C  "C3'" B DA  A 1 7 ? 2.528  -7.920  8.094   0.43 11.31 ? 7   DA  A "C3'" 1 
ATOM   145 O  "O3'" A DA  A 1 7 ? 3.919  -7.340  9.206   0.57 14.66 ? 7   DA  A "O3'" 1 
ATOM   146 O  "O3'" B DA  A 1 7 ? 3.012  -7.765  9.412   0.43 12.13 ? 7   DA  A "O3'" 1 
ATOM   147 C  "C2'" A DA  A 1 7 ? 1.947  -6.808  7.889   0.57 13.20 ? 7   DA  A "C2'" 1 
ATOM   148 C  "C2'" B DA  A 1 7 ? 1.370  -6.968  7.807   0.43 11.19 ? 7   DA  A "C2'" 1 
ATOM   149 C  "C1'" A DA  A 1 7 ? 2.533  -5.590  7.186   0.57 11.78 ? 7   DA  A "C1'" 1 
ATOM   150 C  "C1'" B DA  A 1 7 ? 2.093  -5.693  7.381   0.43 10.77 ? 7   DA  A "C1'" 1 
ATOM   151 N  N9    A DA  A 1 7 ? 1.577  -4.896  6.319   0.57 10.05 ? 7   DA  A N9    1 
ATOM   152 N  N9    B DA  A 1 7 ? 1.336  -4.905  6.409   0.43 11.63 ? 7   DA  A N9    1 
ATOM   153 C  C8    A DA  A 1 7 ? 0.926  -5.417  5.234   0.57 10.78 ? 7   DA  A C8    1 
ATOM   154 C  C8    B DA  A 1 7 ? 0.757  -5.360  5.257   0.43 12.12 ? 7   DA  A C8    1 
ATOM   155 N  N7    A DA  A 1 7 ? 0.127  -4.569  4.630   0.57 10.51 ? 7   DA  A N7    1 
ATOM   156 N  N7    B DA  A 1 7 ? 0.136  -4.432  4.572   0.43 11.98 ? 7   DA  A N7    1 
ATOM   157 C  C5    A DA  A 1 7 ? 0.263  -3.403  5.363   0.57 9.91  ? 7   DA  A C5    1 
ATOM   158 C  C5    B DA  A 1 7 ? 0.318  -3.285  5.322   0.43 11.04 ? 7   DA  A C5    1 
ATOM   159 C  C6    A DA  A 1 7 ? -0.332 -2.126  5.240   0.57 9.57  ? 7   DA  A C6    1 
ATOM   160 C  C6    B DA  A 1 7 ? -0.108 -1.958  5.138   0.43 12.90 ? 7   DA  A C6    1 
ATOM   161 N  N6    A DA  A 1 7 ? -1.208 -1.809  4.278   0.57 9.55  ? 7   DA  A N6    1 
ATOM   162 N  N6    B DA  A 1 7 ? -0.826 -1.556  4.085   0.43 13.62 ? 7   DA  A N6    1 
ATOM   163 N  N1    A DA  A 1 7 ? 0.017  -1.184  6.142   0.57 9.64  ? 7   DA  A N1    1 
ATOM   164 N  N1    B DA  A 1 7 ? 0.239  -1.054  6.076   0.43 12.73 ? 7   DA  A N1    1 
ATOM   165 C  C2    A DA  A 1 7 ? 0.898  -1.502  7.103   0.57 10.32 ? 7   DA  A C2    1 
ATOM   166 C  C2    B DA  A 1 7 ? 0.960  -1.460  7.129   0.43 12.42 ? 7   DA  A C2    1 
ATOM   167 N  N3    A DA  A 1 7 ? 1.522  -2.661  7.317   0.57 9.81  ? 7   DA  A N3    1 
ATOM   168 N  N3    B DA  A 1 7 ? 1.414  -2.680  7.414   0.43 13.12 ? 7   DA  A N3    1 
ATOM   169 C  C4    A DA  A 1 7 ? 1.154  -3.582  6.411   0.57 9.41  ? 7   DA  A C4    1 
ATOM   170 C  C4    B DA  A 1 7 ? 1.053  -3.556  6.462   0.43 12.50 ? 7   DA  A C4    1 
ATOM   171 P  P     A DC  A 1 8 ? 3.493  -7.893  10.650  0.46 15.58 ? 8   DC  A P     1 
ATOM   172 P  P     B DC  A 1 8 ? 2.117  -8.206  10.666  0.54 14.32 ? 8   DC  A P     1 
ATOM   173 O  OP1   A DC  A 1 8 ? 4.705  -7.811  11.496  0.46 17.75 ? 8   DC  A OP1   1 
ATOM   174 O  OP1   B DC  A 1 8 ? 3.065  -8.674  11.697  0.54 15.77 ? 8   DC  A OP1   1 
ATOM   175 O  OP2   A DC  A 1 8 ? 2.791  -9.187  10.497  0.46 16.52 ? 8   DC  A OP2   1 
ATOM   176 O  OP2   B DC  A 1 8 ? 1.019  -9.091  10.220  0.54 16.04 ? 8   DC  A OP2   1 
ATOM   177 O  "O5'" A DC  A 1 8 ? 2.403  -6.836  11.162  0.46 15.68 ? 8   DC  A "O5'" 1 
ATOM   178 O  "O5'" B DC  A 1 8 ? 1.450  -6.842  11.158  0.54 14.43 ? 8   DC  A "O5'" 1 
ATOM   179 C  "C5'" A DC  A 1 8 ? 2.821  -5.557  11.614  0.46 15.58 ? 8   DC  A "C5'" 1 
ATOM   180 C  "C5'" B DC  A 1 8 ? 2.264  -5.832  11.725  0.54 18.14 ? 8   DC  A "C5'" 1 
ATOM   181 C  "C4'" A DC  A 1 8 ? 1.654  -4.589  11.752  0.46 12.16 ? 8   DC  A "C4'" 1 
ATOM   182 C  "C4'" B DC  A 1 8 ? 1.489  -4.539  11.877  0.54 22.01 ? 8   DC  A "C4'" 1 
ATOM   183 O  "O4'" A DC  A 1 8 ? 1.125  -4.266  10.462  0.46 10.53 ? 8   DC  A "O4'" 1 
ATOM   184 O  "O4'" B DC  A 1 8 ? 1.152  -4.028  10.576  0.54 26.28 ? 8   DC  A "O4'" 1 
ATOM   185 C  "C3'" A DC  A 1 8 ? 0.443  -5.089  12.537  0.46 13.53 ? 8   DC  A "C3'" 1 
ATOM   186 C  "C3'" B DC  A 1 8 ? 0.153  -4.673  12.582  0.54 19.51 ? 8   DC  A "C3'" 1 
ATOM   187 O  "O3'" A DC  A 1 8 ? 0.576  -4.747  13.907  0.46 15.30 ? 8   DC  A "O3'" 1 
ATOM   188 O  "O3'" B DC  A 1 8 ? 0.338  -4.605  13.991  0.54 18.84 ? 8   DC  A "O3'" 1 
ATOM   189 C  "C2'" A DC  A 1 8 ? -0.738 -4.338  11.894  0.46 14.15 ? 8   DC  A "C2'" 1 
ATOM   190 C  "C2'" B DC  A 1 8 ? -0.624 -3.462  12.062  0.54 20.37 ? 8   DC  A "C2'" 1 
ATOM   191 C  "C1'" A DC  A 1 8 ? -0.110 -3.640  10.682  0.46 12.25 ? 8   DC  A "C1'" 1 
ATOM   192 C  "C1'" B DC  A 1 8 ? 0.014  -3.195  10.692  0.54 21.88 ? 8   DC  A "C1'" 1 
ATOM   193 N  N1    A DC  A 1 8 ? -0.926 -3.758  9.469   0.46 10.76 ? 8   DC  A N1    1 
ATOM   194 N  N1    B DC  A 1 8 ? -0.895 -3.461  9.541   0.54 17.98 ? 8   DC  A N1    1 
ATOM   195 C  C2    A DC  A 1 8 ? -1.637 -2.647  9.006   0.46 10.64 ? 8   DC  A C2    1 
ATOM   196 C  C2    B DC  A 1 8 ? -1.595 -2.399  8.961   0.54 18.28 ? 8   DC  A C2    1 
ATOM   197 O  O2    A DC  A 1 8 ? -1.557 -1.574  9.622   0.46 11.97 ? 8   DC  A O2    1 
ATOM   198 O  O2    B DC  A 1 8 ? -1.446 -1.258  9.419   0.54 18.56 ? 8   DC  A O2    1 
ATOM   199 N  N3    A DC  A 1 8 ? -2.383 -2.775  7.890   0.46 10.34 ? 8   DC  A N3    1 
ATOM   200 N  N3    B DC  A 1 8 ? -2.415 -2.649  7.912   0.54 17.81 ? 8   DC  A N3    1 
ATOM   201 C  C4    A DC  A 1 8 ? -2.444 -3.948  7.258   0.46 9.51  ? 8   DC  A C4    1 
ATOM   202 C  C4    B DC  A 1 8 ? -2.546 -3.891  7.447   0.54 17.37 ? 8   DC  A C4    1 
ATOM   203 N  N4    A DC  A 1 8 ? -3.193 -4.020  6.160   0.46 9.33  ? 8   DC  A N4    1 
ATOM   204 N  N4    B DC  A 1 8 ? -3.368 -4.086  6.412   0.54 19.61 ? 8   DC  A N4    1 
ATOM   205 C  C5    A DC  A 1 8 ? -1.739 -5.098  7.726   0.46 11.50 ? 8   DC  A C5    1 
ATOM   206 C  C5    B DC  A 1 8 ? -1.845 -4.991  8.030   0.54 16.81 ? 8   DC  A C5    1 
ATOM   207 C  C6    A DC  A 1 8 ? -1.006 -4.959  8.829   0.46 11.51 ? 8   DC  A C6    1 
ATOM   208 C  C6    B DC  A 1 8 ? -1.040 -4.731  9.065   0.54 17.78 ? 8   DC  A C6    1 
HETATM 209 O  O     . HOH B 2 . ? -4.031 -4.127  -5.499  1.00 41.24 ? 101 HOH A O     1 
HETATM 210 O  O     . HOH B 2 . ? -0.666 -9.495  1.420   1.00 19.74 ? 102 HOH A O     1 
HETATM 211 O  O     . HOH B 2 . ? -3.080 8.228   -3.083  1.00 20.00 ? 103 HOH A O     1 
HETATM 212 O  O     . HOH B 2 . ? -2.490 11.651  -0.899  1.00 19.68 ? 104 HOH A O     1 
HETATM 213 O  O     . HOH B 2 . ? -0.409 -2.657  15.577  1.00 16.28 ? 105 HOH A O     1 
HETATM 214 O  O     . HOH B 2 . ? 0.171  0.149   10.929  1.00 23.28 ? 106 HOH A O     1 
HETATM 215 O  O     . HOH B 2 . ? -7.477 10.592  -2.007  1.00 38.87 ? 107 HOH A O     1 
HETATM 216 O  O     . HOH B 2 . ? 2.115  -11.874 6.574   1.00 33.72 ? 108 HOH A O     1 
HETATM 217 O  O     . HOH B 2 . ? -1.647 -8.196  -5.922  1.00 40.21 ? 109 HOH A O     1 
HETATM 218 O  O     . HOH B 2 . ? 0.774  -11.156 -0.505  1.00 19.82 ? 110 HOH A O     1 
HETATM 219 O  O     . HOH B 2 . ? 0.209  -7.086  15.100  1.00 19.22 ? 111 HOH A O     1 
HETATM 220 O  O     . HOH B 2 . ? -1.243 -6.079  -9.523  1.00 30.63 ? 112 HOH A O     1 
HETATM 221 O  O     . HOH B 2 . ? -8.212 11.032  -5.841  1.00 17.11 ? 113 HOH A O     1 
HETATM 222 O  O     . HOH B 2 . ? -4.976 2.183   -4.387  1.00 30.30 ? 114 HOH A O     1 
HETATM 223 O  O     . HOH B 2 . ? -0.843 6.913   -2.436  1.00 17.80 ? 115 HOH A O     1 
HETATM 224 O  O     . HOH B 2 . ? 4.310  -11.763 2.598   1.00 16.60 ? 116 HOH A O     1 
HETATM 225 O  O     . HOH B 2 . ? -0.715 14.264  -8.890  1.00 26.39 ? 117 HOH A O     1 
HETATM 226 O  O     . HOH B 2 . ? -1.206 -8.358  5.551   1.00 22.69 ? 118 HOH A O     1 
HETATM 227 O  O     . HOH B 2 . ? 2.378  -8.950  14.383  1.00 35.01 ? 119 HOH A O     1 
HETATM 228 O  O     . HOH B 2 . ? 3.436  -1.809  9.161   1.00 16.02 ? 120 HOH A O     1 
HETATM 229 O  O     . HOH B 2 . ? 0.764  -11.127 -4.505  1.00 27.06 ? 121 HOH A O     1 
HETATM 230 O  O     . HOH B 2 . ? -2.527 -1.296  -4.453  1.00 19.49 ? 122 HOH A O     1 
HETATM 231 O  O     . HOH B 2 . ? -7.251 3.406   -5.295  1.00 32.30 ? 123 HOH A O     1 
HETATM 232 O  O     . HOH B 2 . ? -1.612 -5.289  2.548   1.00 23.46 ? 124 HOH A O     1 
HETATM 233 O  O     . HOH B 2 . ? 0.100  -12.266 3.731   1.00 34.52 ? 125 HOH A O     1 
HETATM 234 O  O     . HOH B 2 . ? -3.700 4.258   -12.093 1.00 21.74 ? 126 HOH A O     1 
HETATM 235 O  O     . HOH B 2 . ? -1.238 -0.711  -2.258  1.00 22.23 ? 127 HOH A O     1 
HETATM 236 O  O     . HOH B 2 . ? 0.734  14.756  0.017   1.00 30.07 ? 128 HOH A O     1 
HETATM 237 O  O     . HOH B 2 . ? -2.221 -8.341  -3.307  1.00 35.10 ? 129 HOH A O     1 
HETATM 238 O  O     . HOH B 2 . ? 2.604  2.498   -9.488  1.00 15.95 ? 130 HOH A O     1 
HETATM 239 O  O     . HOH B 2 . ? -1.233 -4.623  -2.567  1.00 17.63 ? 131 HOH A O     1 
HETATM 240 O  O     . HOH B 2 . ? -1.253 -6.908  0.321   1.00 17.07 ? 132 HOH A O     1 
HETATM 241 O  O     . HOH B 2 . ? -1.181 11.684  -10.453 1.00 25.65 ? 133 HOH A O     1 
HETATM 242 O  O     . HOH B 2 . ? -3.709 4.432   -3.102  1.00 28.38 ? 134 HOH A O     1 
HETATM 243 O  O     . HOH B 2 . ? -7.774 8.525   -9.363  1.00 27.32 ? 135 HOH A O     1 
HETATM 244 O  O     . HOH B 2 . ? -3.213 -6.437  4.538   1.00 21.42 ? 136 HOH A O     1 
HETATM 245 O  O     . HOH B 2 . ? -2.227 -2.738  -0.819  1.00 17.63 ? 137 HOH A O     1 
HETATM 246 O  O     . HOH B 2 . ? -8.459 8.297   -6.174  1.00 34.70 ? 138 HOH A O     1 
HETATM 247 O  O     . HOH B 2 . ? -2.968 -3.169  2.020   1.00 25.60 ? 139 HOH A O     1 
HETATM 248 O  O     . HOH B 2 . ? -1.340 1.454   -0.736  1.00 33.73 ? 140 HOH A O     1 
HETATM 249 O  O     . HOH B 2 . ? 1.162  1.115   -11.331 1.00 24.40 ? 141 HOH A O     1 
HETATM 250 O  O     . HOH B 2 . ? -2.853 10.208  -12.393 0.43 44.55 ? 142 HOH A O     1 
HETATM 251 O  O     . HOH B 2 . ? -4.741 11.522  0.855   1.00 47.34 ? 143 HOH A O     1 
HETATM 252 O  O     . HOH B 2 . ? -0.315 10.410  0.196   1.00 32.01 ? 144 HOH A O     1 
HETATM 253 O  O     . HOH B 2 . ? -2.420 -1.162  14.367  1.00 16.78 ? 145 HOH A O     1 
HETATM 254 O  O     . HOH B 2 . ? 2.765  0.642   10.163  1.00 34.86 ? 146 HOH A O     1 
HETATM 255 O  O     . HOH B 2 . ? -4.742 -1.408  -2.245  1.00 38.91 ? 147 HOH A O     1 
# 
loop_
_atom_site_anisotrop.id 
_atom_site_anisotrop.type_symbol 
_atom_site_anisotrop.pdbx_label_atom_id 
_atom_site_anisotrop.pdbx_label_alt_id 
_atom_site_anisotrop.pdbx_label_comp_id 
_atom_site_anisotrop.pdbx_label_asym_id 
_atom_site_anisotrop.pdbx_label_seq_id 
_atom_site_anisotrop.pdbx_PDB_ins_code 
_atom_site_anisotrop.U[1][1] 
_atom_site_anisotrop.U[2][2] 
_atom_site_anisotrop.U[3][3] 
_atom_site_anisotrop.U[1][2] 
_atom_site_anisotrop.U[1][3] 
_atom_site_anisotrop.U[2][3] 
_atom_site_anisotrop.pdbx_auth_seq_id 
_atom_site_anisotrop.pdbx_auth_comp_id 
_atom_site_anisotrop.pdbx_auth_asym_id 
_atom_site_anisotrop.pdbx_auth_atom_id 
1   O  "O5'" . DG  A 1 ? 0.2000 0.2423 0.1635 -0.0016 0.0089  -0.0121 1   DG  A "O5'" 
2   C  "C5'" . DG  A 1 ? 0.1899 0.2067 0.1653 -0.0075 0.0162  -0.0221 1   DG  A "C5'" 
3   C  "C4'" . DG  A 1 ? 0.1620 0.1600 0.1682 -0.0001 0.0253  -0.0163 1   DG  A "C4'" 
4   O  "O4'" . DG  A 1 ? 0.1709 0.1451 0.1816 0.0007  0.0140  -0.0110 1   DG  A "O4'" 
5   C  "C3'" . DG  A 1 ? 0.1645 0.1505 0.1766 0.0056  0.0254  -0.0012 1   DG  A "C3'" 
6   O  "O3'" . DG  A 1 ? 0.1629 0.1519 0.1901 0.0020  0.0051  -0.0189 1   DG  A "O3'" 
7   C  "C2'" . DG  A 1 ? 0.1621 0.1611 0.1615 0.0083  0.0119  -0.0049 1   DG  A "C2'" 
8   C  "C1'" . DG  A 1 ? 0.1668 0.1458 0.1673 0.0046  0.0090  -0.0058 1   DG  A "C1'" 
9   N  N9    . DG  A 1 ? 0.1612 0.1473 0.1595 -0.0030 0.0114  0.0037  1   DG  A N9    
10  C  C8    . DG  A 1 ? 0.1723 0.1742 0.1615 -0.0145 0.0048  0.0085  1   DG  A C8    
11  N  N7    . DG  A 1 ? 0.1643 0.1781 0.1645 0.0017  -0.0003 -0.0006 1   DG  A N7    
12  C  C5    . DG  A 1 ? 0.1528 0.1589 0.1721 -0.0133 0.0076  0.0095  1   DG  A C5    
13  C  C6    . DG  A 1 ? 0.1514 0.1643 0.1687 -0.0065 0.0141  0.0112  1   DG  A C6    
14  O  O6    . DG  A 1 ? 0.1657 0.2013 0.1628 0.0157  0.0025  -0.0002 1   DG  A O6    
15  N  N1    . DG  A 1 ? 0.1618 0.1518 0.1635 0.0015  0.0076  0.0163  1   DG  A N1    
16  C  C2    . DG  A 1 ? 0.1633 0.1353 0.1637 -0.0060 0.0052  0.0113  1   DG  A C2    
17  N  N2    . DG  A 1 ? 0.1687 0.1532 0.1631 0.0045  -0.0010 0.0045  1   DG  A N2    
18  N  N3    . DG  A 1 ? 0.1654 0.1309 0.1573 -0.0032 0.0045  0.0006  1   DG  A N3    
19  C  C4    . DG  A 1 ? 0.1573 0.1482 0.1638 -0.0074 0.0126  0.0101  1   DG  A C4    
20  N  N1    . OIQ A 2 ? 0.1552 0.1412 0.1586 -0.0058 0.0017  0.0149  2   OIQ A N1    
21  C  C4    . OIQ A 2 ? 0.1472 0.1532 0.1505 0.0021  0.0071  0.0111  2   OIQ A C4    
22  C  C5    . OIQ A 2 ? 0.1569 0.1514 0.1550 0.0091  0.0107  0.0177  2   OIQ A C5    
23  C  C6    . OIQ A 2 ? 0.1498 0.1495 0.1601 0.0068  -0.0009 0.0097  2   OIQ A C6    
24  C  C2    . OIQ A 2 ? 0.1517 0.1386 0.1604 0.0037  0.0177  0.0196  2   OIQ A C2    
25  C  CD    . OIQ A 2 ? 0.2074 0.1307 0.1960 -0.0091 -0.0435 0.0093  2   OIQ A CD    
26  C  "C1'" . OIQ A 2 ? 0.1786 0.1373 0.1724 0.0048  -0.0059 0.0079  2   OIQ A "C1'" 
27  C  "C2'" . OIQ A 2 ? 0.1747 0.1442 0.1858 0.0013  -0.0122 -0.0034 2   OIQ A "C2'" 
28  C  "C3'" . OIQ A 2 ? 0.1568 0.1578 0.2093 -0.0138 0.0045  -0.0149 2   OIQ A "C3'" 
29  C  "C4'" . OIQ A 2 ? 0.1572 0.1490 0.2117 0.0088  -0.0252 -0.0148 2   OIQ A "C4'" 
30  C  "C5'" . OIQ A 2 ? 0.1630 0.1925 0.2164 0.0158  -0.0277 -0.0381 2   OIQ A "C5'" 
31  C  C5M   . OIQ A 2 ? 0.1704 0.1729 0.1612 0.0152  0.0186  0.0106  2   OIQ A C5M   
32  C  "C6'" . OIQ A 2 ? 0.1881 0.1661 0.2086 0.0289  -0.0298 -0.0097 2   OIQ A "C6'" 
33  C  "C7'" . OIQ A 2 ? 0.2802 0.2243 0.1995 0.0298  -0.0887 -0.0180 2   OIQ A "C7'" 
34  C  "C8'" . OIQ A 2 ? 0.2158 0.1884 0.1887 0.0194  -0.0030 0.0150  2   OIQ A "C8'" 
35  N  "N2'" . OIQ A 2 ? 0.2075 0.1514 0.2037 0.0184  -0.0365 0.0024  2   OIQ A "N2'" 
36  N  N3    . OIQ A 2 ? 0.1472 0.1499 0.1511 0.0115  0.0111  0.0187  2   OIQ A N3    
37  N  "N3'" . OIQ A 2 ? 0.2301 0.1624 0.2105 -0.0070 -0.0654 0.0110  2   OIQ A "N3'" 
38  N  "N4'" . OIQ A 2 ? 0.2251 0.1541 0.1846 0.0061  -0.0203 0.0095  2   OIQ A "N4'" 
39  O  O2    . OIQ A 2 ? 0.1706 0.1659 0.1627 0.0033  0.0079  0.0073  2   OIQ A O2    
40  O  "O3'" . OIQ A 2 ? 0.1644 0.2015 0.2561 -0.0333 0.0218  -0.0225 2   OIQ A "O3'" 
41  O  O4    . OIQ A 2 ? 0.1687 0.1821 0.1444 0.0157  0.0150  0.0143  2   OIQ A O4    
42  O  "O4'" . OIQ A 2 ? 0.1722 0.1397 0.2066 0.0127  -0.0235 -0.0063 2   OIQ A "O4'" 
43  O  "O5'" . OIQ A 2 ? 0.1836 0.1819 0.2192 0.0129  -0.0098 -0.0400 2   OIQ A "O5'" 
44  O  OP1   . OIQ A 2 ? 0.1719 0.1816 0.2297 -0.0084 0.0064  -0.0210 2   OIQ A OP1   
45  O  OP2   . OIQ A 2 ? 0.1840 0.1895 0.2252 -0.0185 0.0164  0.0207  2   OIQ A OP2   
46  P  P     . OIQ A 2 ? 0.1578 0.1552 0.2137 -0.0001 0.0080  -0.0154 2   OIQ A P     
47  P  P     . DG  A 3 ? 0.1784 0.1819 0.2965 -0.0305 0.0534  -0.0377 3   DG  A P     
48  O  OP1   . DG  A 3 ? 0.1851 0.2545 0.3049 -0.0504 0.0338  -0.0168 3   DG  A OP1   
49  O  OP2   . DG  A 3 ? 0.2670 0.1834 0.3197 -0.0171 0.0417  0.0206  3   DG  A OP2   
50  O  "O5'" . DG  A 3 ? 0.2267 0.2076 0.2966 -0.0076 0.0307  -0.0197 3   DG  A "O5'" 
51  C  "C5'" . DG  A 3 ? 0.1941 0.1713 0.2650 0.0062  0.0107  -0.0197 3   DG  A "C5'" 
52  C  "C4'" . DG  A 3 ? 0.1525 0.1369 0.2148 0.0064  -0.0269 0.0079  3   DG  A "C4'" 
53  O  "O4'" . DG  A 3 ? 0.1582 0.1312 0.1882 0.0002  -0.0287 0.0146  3   DG  A "O4'" 
54  C  "C3'" . DG  A 3 ? 0.1653 0.1304 0.2159 -0.0054 -0.0449 0.0114  3   DG  A "C3'" 
55  O  "O3'" . DG  A 3 ? 0.1758 0.1441 0.2530 0.0019  -0.0661 0.0205  3   DG  A "O3'" 
56  C  "C2'" . DG  A 3 ? 0.1557 0.1578 0.1983 0.0158  -0.0254 0.0086  3   DG  A "C2'" 
57  C  "C1'" . DG  A 3 ? 0.1380 0.1403 0.1658 0.0066  -0.0253 0.0036  3   DG  A "C1'" 
58  N  N9    . DG  A 3 ? 0.1508 0.1326 0.1591 -0.0002 -0.0069 0.0229  3   DG  A N9    
59  C  C8    . DG  A 3 ? 0.1373 0.1369 0.1716 0.0043  -0.0051 0.0095  3   DG  A C8    
60  N  N7    . DG  A 3 ? 0.1384 0.1509 0.1629 0.0022  -0.0022 0.0093  3   DG  A N7    
61  C  C5    . DG  A 3 ? 0.1417 0.1366 0.1478 -0.0023 0.0042  0.0283  3   DG  A C5    
62  C  C6    . DG  A 3 ? 0.1456 0.1379 0.1448 -0.0005 -0.0126 0.0189  3   DG  A C6    
63  O  O6    . DG  A 3 ? 0.1393 0.1691 0.1383 0.0067  -0.0015 0.0161  3   DG  A O6    
64  N  N1    . DG  A 3 ? 0.1261 0.1288 0.1294 -0.0009 0.0038  0.0156  3   DG  A N1    
65  C  C2    . DG  A 3 ? 0.1354 0.1178 0.1357 -0.0044 0.0020  0.0232  3   DG  A C2    
66  N  N2    . DG  A 3 ? 0.1473 0.1349 0.1412 -0.0002 -0.0055 0.0181  3   DG  A N2    
67  N  N3    . DG  A 3 ? 0.1327 0.1243 0.1421 0.0030  -0.0070 0.0207  3   DG  A N3    
68  C  C4    . DG  A 3 ? 0.1343 0.1299 0.1420 -0.0060 -0.0033 0.0248  3   DG  A C4    
69  N  N1    . BRU A 4 ? 0.1415 0.1727 0.2046 0.0079  0.0011  0.0685  4   BRU A N1    
70  C  C2    . BRU A 4 ? 0.1371 0.1852 0.2110 0.0025  0.0060  0.0885  4   BRU A C2    
71  N  N3    . BRU A 4 ? 0.1235 0.1886 0.2043 -0.0020 0.0068  0.0801  4   BRU A N3    
72  C  C4    . BRU A 4 ? 0.1315 0.1832 0.2011 -0.0092 0.0047  0.0800  4   BRU A C4    
73  C  C5    . BRU A 4 ? 0.1274 0.1652 0.2089 -0.0006 -0.0034 0.0719  4   BRU A C5    
74  C  C6    . BRU A 4 ? 0.1466 0.1686 0.1995 0.0111  -0.0033 0.0544  4   BRU A C6    
75  O  O2    . BRU A 4 ? 0.1425 0.2181 0.2162 0.0160  0.0157  0.0925  4   BRU A O2    
76  O  O4    . BRU A 4 ? 0.1366 0.1917 0.2080 0.0050  -0.0008 0.0712  4   BRU A O4    
77  BR BR    . BRU A 4 ? 0.1386 0.1902 0.2295 0.0045  -0.0056 0.0518  4   BRU A BR    
78  C  "C1'" . BRU A 4 ? 0.1686 0.2257 0.1900 0.0421  0.0221  0.0670  4   BRU A "C1'" 
79  C  "C2'" . BRU A 4 ? 0.1805 0.2207 0.1761 0.0682  0.0253  0.0514  4   BRU A "C2'" 
80  C  "C3'" . BRU A 4 ? 0.2126 0.1667 0.1737 0.0340  0.0014  0.0331  4   BRU A "C3'" 
81  C  "C4'" . BRU A 4 ? 0.2105 0.1917 0.1971 0.0263  -0.0150 0.0540  4   BRU A "C4'" 
82  O  "O3'" . BRU A 4 ? 0.2466 0.1784 0.1683 0.0482  0.0045  0.0236  4   BRU A "O3'" 
83  O  "O4'" . BRU A 4 ? 0.1894 0.2217 0.1886 0.0275  -0.0022 0.0673  4   BRU A "O4'" 
84  C  "C5'" . BRU A 4 ? 0.2219 0.1900 0.2054 0.0550  -0.0197 0.0292  4   BRU A "C5'" 
85  O  "O5'" . BRU A 4 ? 0.1849 0.1531 0.2359 0.0162  -0.0292 0.0352  4   BRU A "O5'" 
86  P  P     . BRU A 4 ? 0.1572 0.1476 0.2874 -0.0072 -0.0436 0.0261  4   BRU A P     
87  O  OP1   . BRU A 4 ? 0.2188 0.1703 0.3154 -0.0250 -0.0635 0.0196  4   BRU A OP1   
88  O  OP2   . BRU A 4 ? 0.1443 0.1647 0.2981 -0.0066 -0.0001 0.0323  4   BRU A OP2   
89  P  P     . DA  A 5 ? 0.2168 0.1538 0.1715 0.0311  -0.0047 0.0071  5   DA  A P     
90  O  OP1   . DA  A 5 ? 0.2552 0.1776 0.1988 0.0257  -0.0355 0.0072  5   DA  A OP1   
91  O  OP2   . DA  A 5 ? 0.2135 0.1629 0.2018 0.0231  -0.0029 0.0257  5   DA  A OP2   
92  O  "O5'" . DA  A 5 ? 0.2070 0.1420 0.1471 0.0360  0.0006  0.0006  5   DA  A "O5'" 
93  C  "C5'" . DA  A 5 ? 0.2225 0.1324 0.1413 0.0293  0.0160  -0.0048 5   DA  A "C5'" 
94  C  "C4'" . DA  A 5 ? 0.1993 0.1378 0.1308 0.0286  0.0108  -0.0075 5   DA  A "C4'" 
95  O  "O4'" . DA  A 5 ? 0.2091 0.1387 0.1218 0.0173  0.0266  0.0019  5   DA  A "O4'" 
96  C  "C3'" . DA  A 5 ? 0.1937 0.1240 0.1334 0.0059  0.0140  0.0017  5   DA  A "C3'" 
97  O  "O3'" . DA  A 5 ? 0.2241 0.1219 0.1441 0.0143  -0.0227 -0.0025 5   DA  A "O3'" 
98  C  "C2'" . DA  A 5 ? 0.1921 0.1500 0.1353 0.0104  -0.0001 0.0005  5   DA  A "C2'" 
99  C  "C1'" . DA  A 5 ? 0.2007 0.1324 0.1325 0.0072  0.0242  0.0066  5   DA  A "C1'" 
100 N  N9    . DA  A 5 ? 0.2030 0.1411 0.1387 -0.0010 0.0482  0.0016  5   DA  A N9    
101 C  C8    . DA  A 5 ? 0.2238 0.1377 0.1359 -0.0060 0.0514  0.0142  5   DA  A C8    
102 N  N7    . DA  A 5 ? 0.2293 0.1268 0.1289 0.0096  0.0534  0.0000  5   DA  A N7    
103 C  C5    . DA  A 5 ? 0.2246 0.1121 0.1355 -0.0065 0.0487  0.0045  5   DA  A C5    
104 C  C6    . DA  A 5 ? 0.2423 0.1184 0.1370 -0.0042 0.0576  0.0093  5   DA  A C6    
105 N  N6    . DA  A 5 ? 0.2601 0.1341 0.1262 -0.0007 0.0396  0.0092  5   DA  A N6    
106 N  N1    . DA  A 5 ? 0.2471 0.1361 0.1458 -0.0235 0.0583  -0.0047 5   DA  A N1    
107 C  C2    . DA  A 5 ? 0.2280 0.1352 0.1605 -0.0179 0.0506  -0.0151 5   DA  A C2    
108 N  N3    . DA  A 5 ? 0.2055 0.1487 0.1590 -0.0237 0.0343  -0.0149 5   DA  A N3    
109 C  C4    . DA  A 5 ? 0.2148 0.1226 0.1362 -0.0180 0.0474  -0.0024 5   DA  A C4    
110 P  P     . DC  A 6 ? 0.2064 0.1322 0.1578 -0.0130 -0.0296 0.0170  6   DC  A P     
111 O  OP1   . DC  A 6 ? 0.2420 0.1462 0.1772 -0.0183 -0.0366 0.0015  6   DC  A OP1   
112 O  OP2   . DC  A 6 ? 0.1949 0.1631 0.1910 -0.0289 -0.0219 0.0255  6   DC  A OP2   
113 O  "O5'" . DC  A 6 ? 0.1748 0.1382 0.1453 -0.0025 -0.0145 0.0172  6   DC  A "O5'" 
114 C  "C5'" . DC  A 6 ? 0.1726 0.1398 0.1419 0.0150  -0.0035 0.0009  6   DC  A "C5'" 
115 C  "C4'" . DC  A 6 ? 0.1694 0.1430 0.1370 0.0119  0.0055  0.0039  6   DC  A "C4'" 
116 O  "O4'" . DC  A 6 ? 0.1701 0.1409 0.1254 0.0030  0.0040  0.0033  6   DC  A "O4'" 
117 C  "C3'" . DC  A 6 ? 0.1722 0.1337 0.1357 0.0089  0.0128  0.0188  6   DC  A "C3'" 
118 O  "O3'" . DC  A 6 ? 0.1890 0.1446 0.1374 0.0199  0.0057  0.0125  6   DC  A "O3'" 
119 C  "C2'" . DC  A 6 ? 0.1728 0.1433 0.1350 0.0125  0.0040  -0.0029 6   DC  A "C2'" 
120 C  "C1'" . DC  A 6 ? 0.1589 0.1426 0.1283 0.0119  0.0082  -0.0036 6   DC  A "C1'" 
121 N  N1    . DC  A 6 ? 0.1647 0.1328 0.1224 -0.0025 0.0046  -0.0021 6   DC  A N1    
122 C  C2    . DC  A 6 ? 0.1478 0.1295 0.1229 -0.0058 0.0107  0.0111  6   DC  A C2    
123 O  O2    . DC  A 6 ? 0.1637 0.1485 0.1324 0.0080  0.0081  -0.0047 6   DC  A O2    
124 N  N3    . DC  A 6 ? 0.1548 0.1287 0.1143 -0.0101 0.0143  0.0118  6   DC  A N3    
125 C  C4    . DC  A 6 ? 0.1486 0.1291 0.1252 -0.0065 0.0091  0.0125  6   DC  A C4    
126 N  N4    . DC  A 6 ? 0.1617 0.1503 0.1318 0.0025  0.0025  -0.0007 6   DC  A N4    
127 C  C5    . DC  A 6 ? 0.1532 0.1369 0.1267 -0.0002 0.0050  0.0062  6   DC  A C5    
128 C  C6    . DC  A 6 ? 0.1630 0.1302 0.1361 -0.0098 0.0058  -0.0001 6   DC  A C6    
129 P  P     A DA  A 7 ? 0.1829 0.1609 0.1313 0.0023  0.0132  0.0214  7   DA  A P     
130 P  P     B DA  A 7 ? 0.1721 0.1459 0.1688 -0.0001 0.0042  0.0180  7   DA  A P     
131 O  OP1   A DA  A 7 ? 0.2459 0.1479 0.1400 -0.0144 0.0107  0.0168  7   DA  A OP1   
132 O  OP1   B DA  A 7 ? 0.2247 0.1591 0.1882 0.0140  0.0013  0.0282  7   DA  A OP1   
133 O  OP2   A DA  A 7 ? 0.1753 0.1845 0.1345 -0.0235 0.0202  0.0060  7   DA  A OP2   
134 O  OP2   B DA  A 7 ? 0.1929 0.1817 0.1956 -0.0110 -0.0178 0.0389  7   DA  A OP2   
135 O  "O5'" A DA  A 7 ? 0.1475 0.1788 0.1317 0.0064  0.0108  0.0427  7   DA  A "O5'" 
136 O  "O5'" B DA  A 7 ? 0.1875 0.1475 0.1564 0.0432  0.0024  -0.0049 7   DA  A "O5'" 
137 C  "C5'" A DA  A 7 ? 0.1462 0.1896 0.1278 0.0125  0.0115  0.0264  7   DA  A "C5'" 
138 C  "C5'" B DA  A 7 ? 0.1791 0.1296 0.1512 0.0466  0.0052  0.0037  7   DA  A "C5'" 
139 C  "C4'" A DA  A 7 ? 0.1586 0.1764 0.1351 0.0114  0.0116  0.0345  7   DA  A "C4'" 
140 C  "C4'" B DA  A 7 ? 0.1571 0.1301 0.1414 0.0259  0.0051  0.0151  7   DA  A "C4'" 
141 O  "O4'" A DA  A 7 ? 0.1549 0.1549 0.1360 0.0096  0.0271  0.0342  7   DA  A "O4'" 
142 O  "O4'" B DA  A 7 ? 0.1416 0.1501 0.1353 0.0230  0.0289  0.0171  7   DA  A "O4'" 
143 C  "C3'" A DA  A 7 ? 0.1832 0.1867 0.1389 0.0276  0.0092  0.0307  7   DA  A "C3'" 
144 C  "C3'" B DA  A 7 ? 0.1537 0.1455 0.1306 0.0087  0.0218  0.0199  7   DA  A "C3'" 
145 O  "O3'" A DA  A 7 ? 0.2088 0.2138 0.1344 0.0601  0.0181  0.0473  7   DA  A "O3'" 
146 O  "O3'" B DA  A 7 ? 0.1617 0.1685 0.1305 0.0146  0.0247  0.0229  7   DA  A "O3'" 
147 C  "C2'" A DA  A 7 ? 0.1854 0.1759 0.1401 0.0136  0.0083  0.0172  7   DA  A "C2'" 
148 C  "C2'" B DA  A 7 ? 0.1554 0.1279 0.1422 0.0049  0.0208  0.0315  7   DA  A "C2'" 
149 C  "C1'" A DA  A 7 ? 0.1466 0.1657 0.1353 0.0049  0.0089  0.0328  7   DA  A "C1'" 
150 C  "C1'" B DA  A 7 ? 0.1241 0.1499 0.1350 0.0092  0.0320  0.0157  7   DA  A "C1'" 
151 N  N9    A DA  A 7 ? 0.1294 0.1387 0.1137 0.0084  0.0051  0.0208  7   DA  A N9    
152 N  N9    B DA  A 7 ? 0.1518 0.1454 0.1448 -0.0009 0.0435  0.0233  7   DA  A N9    
153 C  C8    A DA  A 7 ? 0.1536 0.1406 0.1156 0.0195  0.0001  0.0186  7   DA  A C8    
154 C  C8    B DA  A 7 ? 0.1731 0.1332 0.1543 0.0059  0.0439  0.0143  7   DA  A C8    
155 N  N7    A DA  A 7 ? 0.1452 0.1362 0.1178 0.0100  0.0043  0.0273  7   DA  A N7    
156 N  N7    B DA  A 7 ? 0.1418 0.1472 0.1662 -0.0078 0.0422  0.0220  7   DA  A N7    
157 C  C5    A DA  A 7 ? 0.1348 0.1362 0.1056 0.0209  0.0086  0.0133  7   DA  A C5    
158 C  C5    B DA  A 7 ? 0.1443 0.1138 0.1613 -0.0211 0.0465  0.0257  7   DA  A C5    
159 C  C6    A DA  A 7 ? 0.1102 0.1470 0.1065 -0.0115 0.0115  0.0255  7   DA  A C6    
160 C  C6    B DA  A 7 ? 0.1821 0.1419 0.1661 0.0045  0.0370  0.0238  7   DA  A C6    
161 N  N6    A DA  A 7 ? 0.1247 0.1357 0.1023 -0.0048 0.0173  0.0320  7   DA  A N6    
162 N  N6    B DA  A 7 ? 0.1868 0.1669 0.1637 -0.0044 0.0402  0.0254  7   DA  A N6    
163 N  N1    A DA  A 7 ? 0.1191 0.1425 0.1045 -0.0087 0.0142  0.0282  7   DA  A N1    
164 N  N1    B DA  A 7 ? 0.1774 0.1398 0.1663 0.0123  0.0252  0.0136  7   DA  A N1    
165 C  C2    A DA  A 7 ? 0.1346 0.1546 0.1031 -0.0119 0.0213  0.0216  7   DA  A C2    
166 C  C2    B DA  A 7 ? 0.1511 0.1530 0.1680 -0.0026 0.0155  0.0120  7   DA  A C2    
167 N  N3    A DA  A 7 ? 0.1270 0.1434 0.1022 -0.0075 0.0162  0.0140  7   DA  A N3    
168 N  N3    B DA  A 7 ? 0.1627 0.1658 0.1703 0.0226  0.0259  0.0100  7   DA  A N3    
169 C  C4    A DA  A 7 ? 0.1152 0.1441 0.0981 -0.0096 0.0203  0.0157  7   DA  A C4    
170 C  C4    B DA  A 7 ? 0.1679 0.1495 0.1577 0.0082  0.0401  0.0192  7   DA  A C4    
171 P  P     A DC  A 8 ? 0.2503 0.2129 0.1290 0.0785  0.0243  0.0480  8   DC  A P     
172 P  P     B DC  A 8 ? 0.2093 0.1701 0.1646 0.0392  0.0344  0.0325  8   DC  A P     
173 O  OP1   A DC  A 8 ? 0.2498 0.2837 0.1408 0.0795  -0.0214 0.0450  8   DC  A OP1   
174 O  OP1   B DC  A 8 ? 0.2095 0.2156 0.1743 0.0432  0.0031  0.0347  8   DC  A OP1   
175 O  OP2   A DC  A 8 ? 0.2965 0.1905 0.1407 0.0548  0.0380  0.0502  8   DC  A OP2   
176 O  OP2   B DC  A 8 ? 0.2609 0.1783 0.1702 0.0154  0.0395  0.0379  8   DC  A OP2   
177 O  "O5'" A DC  A 8 ? 0.2424 0.2254 0.1280 0.0511  0.0132  0.0457  8   DC  A "O5'" 
178 O  "O5'" B DC  A 8 ? 0.1787 0.1832 0.1863 0.0273  0.0295  0.0172  8   DC  A "O5'" 
179 C  "C5'" A DC  A 8 ? 0.2465 0.2264 0.1188 0.0586  0.0085  0.0218  8   DC  A "C5'" 
180 C  "C5'" B DC  A 8 ? 0.2821 0.1819 0.2253 0.0886  0.0438  0.0201  8   DC  A "C5'" 
181 C  "C4'" A DC  A 8 ? 0.1565 0.2045 0.1012 0.0179  -0.0043 0.0052  8   DC  A "C4'" 
182 C  "C4'" B DC  A 8 ? 0.3479 0.2290 0.2594 0.1133  0.0659  0.0086  8   DC  A "C4'" 
183 O  "O4'" A DC  A 8 ? 0.1089 0.1973 0.0937 0.0281  0.0207  0.0270  8   DC  A "O4'" 
184 O  "O4'" B DC  A 8 ? 0.4235 0.2916 0.2835 0.1304  0.0652  0.0212  8   DC  A "O4'" 
185 C  "C3'" A DC  A 8 ? 0.1996 0.2195 0.0950 -0.0193 0.0196  0.0105  8   DC  A "C3'" 
186 C  "C3'" B DC  A 8 ? 0.2832 0.2024 0.2558 0.0717  0.0865  -0.0084 8   DC  A "C3'" 
187 O  "O3'" A DC  A 8 ? 0.2645 0.2334 0.0834 0.0025  -0.0149 -0.0037 8   DC  A "O3'" 
188 O  "O3'" B DC  A 8 ? 0.2371 0.2290 0.2499 0.0139  0.0818  -0.0141 8   DC  A "O3'" 
189 C  "C2'" A DC  A 8 ? 0.1785 0.2363 0.1229 0.0542  0.0059  0.0046  8   DC  A "C2'" 
190 C  "C2'" B DC  A 8 ? 0.3156 0.1897 0.2685 0.0939  0.0790  -0.0037 8   DC  A "C2'" 
191 C  "C1'" A DC  A 8 ? 0.1405 0.2248 0.1000 0.0690  0.0117  0.0128  8   DC  A "C1'" 
192 C  "C1'" B DC  A 8 ? 0.3405 0.2113 0.2795 0.0768  0.0790  0.0115  8   DC  A "C1'" 
193 N  N1    A DC  A 8 ? 0.1034 0.1974 0.1083 0.0177  0.0083  0.0283  8   DC  A N1    
194 N  N1    B DC  A 8 ? 0.2339 0.1613 0.2878 -0.0170 0.0821  0.0022  8   DC  A N1    
195 C  C2    A DC  A 8 ? 0.1151 0.1735 0.1158 0.0347  0.0171  0.0306  8   DC  A C2    
196 C  C2    B DC  A 8 ? 0.2108 0.1855 0.2983 -0.0176 0.0555  -0.0107 8   DC  A C2    
197 O  O2    A DC  A 8 ? 0.1350 0.1874 0.1324 0.0447  0.0032  0.0319  8   DC  A O2    
198 O  O2    B DC  A 8 ? 0.2218 0.1771 0.3064 -0.0176 0.0263  -0.0197 8   DC  A O2    
199 N  N3    A DC  A 8 ? 0.1267 0.1603 0.1057 0.0180  0.0190  0.0283  8   DC  A N3    
200 N  N3    B DC  A 8 ? 0.1822 0.1972 0.2975 -0.0233 0.0725  -0.0044 8   DC  A N3    
201 C  C4    A DC  A 8 ? 0.1157 0.1480 0.0978 0.0083  0.0314  0.0254  8   DC  A C4    
202 C  C4    B DC  A 8 ? 0.1631 0.1969 0.3001 -0.0307 0.0852  0.0044  8   DC  A C4    
203 N  N4    A DC  A 8 ? 0.1202 0.1430 0.0912 -0.0014 0.0272  0.0206  8   DC  A N4    
204 N  N4    B DC  A 8 ? 0.2321 0.2127 0.3004 0.0100  0.0508  -0.0106 8   DC  A N4    
205 C  C5    A DC  A 8 ? 0.1626 0.1587 0.1157 0.0330  0.0161  0.0297  8   DC  A C5    
206 C  C5    B DC  A 8 ? 0.1731 0.1776 0.2879 -0.0256 0.1137  0.0241  8   DC  A C5    
207 C  C6    A DC  A 8 ? 0.1376 0.1711 0.1285 0.0276  0.0071  0.0346  8   DC  A C6    
208 C  C6    B DC  A 8 ? 0.1895 0.1942 0.2918 -0.0062 0.1169  0.0161  8   DC  A C6    
209 O  O     . HOH B . ? 0.2967 0.3763 0.8939 0.0143  0.0443  -0.1799 101 HOH A O     
210 O  O     . HOH B . ? 0.2264 0.2796 0.2442 -0.0441 -0.0605 0.0319  102 HOH A O     
211 O  O     . HOH B . ? 0.2450 0.1832 0.3317 0.0299  0.0036  0.0162  103 HOH A O     
212 O  O     . HOH B . ? 0.2687 0.2982 0.1811 -0.0170 0.0055  0.0294  104 HOH A O     
213 O  O     . HOH B . ? 0.2096 0.2314 0.1774 -0.0035 0.0268  -0.0022 105 HOH A O     
214 O  O     . HOH B . ? 0.3146 0.2371 0.3327 0.0329  0.0520  0.0150  106 HOH A O     
215 O  O     . HOH B . ? 0.3917 0.4302 0.6548 0.0163  0.2111  0.1965  107 HOH A O     
216 O  O     . HOH B . ? 0.6276 0.3718 0.2819 0.0627  0.0524  0.1542  108 HOH A O     
217 O  O     . HOH B . ? 0.6523 0.2491 0.6263 -0.1482 0.0722  0.0158  109 HOH A O     
218 O  O     . HOH B . ? 0.3010 0.2015 0.2506 -0.0411 -0.0324 0.0653  110 HOH A O     
219 O  O     . HOH B . ? 0.2703 0.2552 0.2049 0.0533  0.0116  0.0537  111 HOH A O     
220 O  O     . HOH B . ? 0.4447 0.3963 0.3228 0.0461  -0.1495 -0.0951 112 HOH A O     
221 O  O     . HOH B . ? 0.1837 0.2982 0.1682 -0.0019 -0.0087 -0.0047 113 HOH A O     
222 O  O     . HOH B . ? 0.2867 0.2602 0.6043 0.0860  0.1020  0.1382  114 HOH A O     
223 O  O     . HOH B . ? 0.2873 0.2184 0.1705 0.0273  0.0492  0.0164  115 HOH A O     
224 O  O     . HOH B . ? 0.2506 0.1716 0.2087 -0.0034 -0.0002 0.0265  116 HOH A O     
225 O  O     . HOH B . ? 0.3848 0.4148 0.2033 0.2300  0.0190  0.0262  117 HOH A O     
226 O  O     . HOH B . ? 0.2661 0.3629 0.2331 0.0375  0.0754  0.0875  118 HOH A O     
227 O  O     . HOH B . ? 0.3674 0.7433 0.2196 0.2294  -0.0027 0.0306  119 HOH A O     
228 O  O     . HOH B . ? 0.2033 0.2222 0.1830 0.0010  -0.0239 -0.0132 120 HOH A O     
229 O  O     . HOH B . ? 0.3010 0.4374 0.2900 -0.1621 0.1099  -0.1791 121 HOH A O     
230 O  O     . HOH B . ? 0.3011 0.1885 0.2512 0.0591  0.0494  0.0191  122 HOH A O     
231 O  O     . HOH B . ? 0.2710 0.3986 0.5576 0.0248  0.0181  0.1967  123 HOH A O     
232 O  O     . HOH B . ? 0.3326 0.3965 0.1622 -0.1562 -0.0331 0.0495  124 HOH A O     
233 O  O     . HOH B . ? 0.3935 0.4507 0.4674 -0.0609 0.0036  -0.0388 125 HOH A O     
234 O  O     . HOH B . ? 0.4089 0.1933 0.2239 0.0204  -0.0837 -0.0298 126 HOH A O     
235 O  O     . HOH B . ? 0.3638 0.2199 0.2610 0.0920  0.1371  0.0496  127 HOH A O     
236 O  O     . HOH B . ? 0.3273 0.4603 0.3550 0.0494  0.0062  0.0700  128 HOH A O     
237 O  O     . HOH B . ? 0.3865 0.3585 0.5887 -0.0230 -0.2386 -0.1003 129 HOH A O     
238 O  O     . HOH B . ? 0.2006 0.2152 0.1904 0.0102  -0.0235 -0.0205 130 HOH A O     
239 O  O     . HOH B . ? 0.2878 0.2007 0.1814 0.0534  0.0197  0.0247  131 HOH A O     
240 O  O     . HOH B . ? 0.2218 0.2411 0.1857 -0.0192 -0.0005 0.0027  132 HOH A O     
241 O  O     . HOH B . ? 0.2548 0.3787 0.3410 0.0269  -0.0811 0.0375  133 HOH A O     
242 O  O     . HOH B . ? 0.3847 0.2793 0.4144 0.0205  0.0328  0.0860  134 HOH A O     
243 O  O     . HOH B . ? 0.2178 0.2652 0.5551 0.0312  -0.1384 -0.0928 135 HOH A O     
244 O  O     . HOH B . ? 0.2658 0.2487 0.2994 -0.0773 0.0622  -0.0744 136 HOH A O     
245 O  O     . HOH B . ? 0.2261 0.2338 0.2101 -0.0055 -0.0143 0.0229  137 HOH A O     
246 O  O     . HOH B . ? 0.3908 0.3022 0.6256 -0.0002 0.0807  0.0306  138 HOH A O     
247 O  O     . HOH B . ? 0.2669 0.2466 0.4591 -0.0294 -0.0730 -0.0229 139 HOH A O     
248 O  O     . HOH B . ? 0.4606 0.3777 0.4433 0.1013  -0.0865 0.1067  140 HOH A O     
249 O  O     . HOH B . ? 0.3910 0.3251 0.2110 -0.0963 -0.0536 -0.0164 141 HOH A O     
250 O  O     . HOH B . ? 0.5973 0.4596 0.6359 -0.0067 -0.0819 0.0244  142 HOH A O     
251 O  O     . HOH B . ? 0.8281 0.5405 0.4298 0.0166  0.2194  0.1898  143 HOH A O     
252 O  O     . HOH B . ? 0.4888 0.4465 0.2807 0.0981  -0.0445 -0.0138 144 HOH A O     
253 O  O     . HOH B . ? 0.1782 0.2416 0.2177 -0.0171 0.0070  -0.0126 145 HOH A O     
254 O  O     . HOH B . ? 0.3717 0.4324 0.5203 0.0450  -0.1745 -0.2192 146 HOH A O     
255 O  O     . HOH B . ? 0.3466 0.4966 0.6352 -0.0410 -0.1175 0.1101  147 HOH A O     
# 
loop_
_pdbx_poly_seq_scheme.asym_id 
_pdbx_poly_seq_scheme.entity_id 
_pdbx_poly_seq_scheme.seq_id 
_pdbx_poly_seq_scheme.mon_id 
_pdbx_poly_seq_scheme.ndb_seq_num 
_pdbx_poly_seq_scheme.pdb_seq_num 
_pdbx_poly_seq_scheme.auth_seq_num 
_pdbx_poly_seq_scheme.pdb_mon_id 
_pdbx_poly_seq_scheme.auth_mon_id 
_pdbx_poly_seq_scheme.pdb_strand_id 
_pdbx_poly_seq_scheme.pdb_ins_code 
_pdbx_poly_seq_scheme.hetero 
A 1 1 DG  1 1 1 DG  DG  A . n 
A 1 2 OIQ 2 2 2 OIQ OIQ A . n 
A 1 3 DG  3 3 3 DG  DG  A . n 
A 1 4 BRU 4 4 4 BRU BRU A . n 
A 1 5 DA  5 5 5 DA  DA  A . n 
A 1 6 DC  6 6 6 DC  DC  A . n 
A 1 7 DA  7 7 7 DA  DA  A . n 
A 1 8 DC  8 8 8 DC  DC  A . n 
# 
loop_
_pdbx_contact_author.id 
_pdbx_contact_author.email 
_pdbx_contact_author.name_first 
_pdbx_contact_author.name_last 
_pdbx_contact_author.name_mi 
_pdbx_contact_author.role 
_pdbx_contact_author.identifier_ORCID 
2 haoyama@phs.osaka-u.ac.jp      HIroshi Aoyama    ? 'principal investigator/group leader' 0000-0001-7915-8975 
3 obika@phs.osaka-u.ac.jp        Satoshi Obika     ? 'principal investigator/group leader' 0000-0002-6842-6812 
4 yamaguchi-ta@phs.osaka-u.ac.jp Takao   Yamaguchi ? 'principal investigator/group leader' 0000-0003-3180-0257 
# 
loop_
_pdbx_nonpoly_scheme.asym_id 
_pdbx_nonpoly_scheme.entity_id 
_pdbx_nonpoly_scheme.mon_id 
_pdbx_nonpoly_scheme.ndb_seq_num 
_pdbx_nonpoly_scheme.pdb_seq_num 
_pdbx_nonpoly_scheme.auth_seq_num 
_pdbx_nonpoly_scheme.pdb_mon_id 
_pdbx_nonpoly_scheme.auth_mon_id 
_pdbx_nonpoly_scheme.pdb_strand_id 
_pdbx_nonpoly_scheme.pdb_ins_code 
B 2 HOH 1  101 101 HOH HOH A . 
B 2 HOH 2  102 102 HOH HOH A . 
B 2 HOH 3  103 110 HOH HOH A . 
B 2 HOH 4  104 104 HOH HOH A . 
B 2 HOH 5  105 111 HOH HOH A . 
B 2 HOH 6  106 106 HOH HOH A . 
B 2 HOH 7  107 105 HOH HOH A . 
B 2 HOH 8  108 109 HOH HOH A . 
B 2 HOH 9  109 108 HOH HOH A . 
B 2 HOH 10 110 107 HOH HOH A . 
B 2 HOH 11 111 103 HOH HOH A . 
B 2 HOH 12 112 112 HOH HOH A . 
B 2 HOH 13 113 113 HOH HOH A . 
B 2 HOH 14 114 117 HOH HOH A . 
B 2 HOH 15 115 114 HOH HOH A . 
B 2 HOH 16 116 115 HOH HOH A . 
B 2 HOH 17 117 121 HOH HOH A . 
B 2 HOH 18 118 129 HOH HOH A . 
B 2 HOH 19 119 118 HOH HOH A . 
B 2 HOH 20 120 122 HOH HOH A . 
B 2 HOH 21 121 116 HOH HOH A . 
B 2 HOH 22 122 124 HOH HOH A . 
B 2 HOH 23 123 119 HOH HOH A . 
B 2 HOH 24 124 120 HOH HOH A . 
B 2 HOH 25 125 130 HOH HOH A . 
B 2 HOH 26 126 125 HOH HOH A . 
B 2 HOH 27 127 126 HOH HOH A . 
B 2 HOH 28 128 123 HOH HOH A . 
B 2 HOH 29 129 128 HOH HOH A . 
B 2 HOH 30 130 131 HOH HOH A . 
B 2 HOH 31 131 127 HOH HOH A . 
B 2 HOH 32 132 132 HOH HOH A . 
B 2 HOH 33 133 134 HOH HOH A . 
B 2 HOH 34 134 135 HOH HOH A . 
B 2 HOH 35 135 136 HOH HOH A . 
B 2 HOH 36 136 133 HOH HOH A . 
B 2 HOH 37 137 137 HOH HOH A . 
B 2 HOH 38 138 138 HOH HOH A . 
B 2 HOH 39 139 139 HOH HOH A . 
B 2 HOH 40 140 140 HOH HOH A . 
B 2 HOH 41 141 141 HOH HOH A . 
B 2 HOH 42 142 142 HOH HOH A . 
B 2 HOH 43 143 143 HOH HOH A . 
B 2 HOH 44 144 144 HOH HOH A . 
B 2 HOH 45 145 145 HOH HOH A . 
B 2 HOH 46 146 146 HOH HOH A . 
B 2 HOH 47 147 147 HOH HOH A . 
# 
_pdbx_struct_assembly.id                   1 
_pdbx_struct_assembly.details              author_and_software_defined_assembly 
_pdbx_struct_assembly.method_details       PISA 
_pdbx_struct_assembly.oligomeric_details   dimeric 
_pdbx_struct_assembly.oligomeric_count     2 
# 
_pdbx_struct_assembly_gen.assembly_id       1 
_pdbx_struct_assembly_gen.oper_expression   1,2 
_pdbx_struct_assembly_gen.asym_id_list      A,B 
# 
loop_
_pdbx_struct_assembly_prop.biol_id 
_pdbx_struct_assembly_prop.type 
_pdbx_struct_assembly_prop.value 
_pdbx_struct_assembly_prop.details 
1 'ABSA (A^2)' 1920 ? 
1 MORE         9    ? 
1 'SSA (A^2)'  2950 ? 
# 
loop_
_pdbx_struct_oper_list.id 
_pdbx_struct_oper_list.type 
_pdbx_struct_oper_list.name 
_pdbx_struct_oper_list.symmetry_operation 
_pdbx_struct_oper_list.matrix[1][1] 
_pdbx_struct_oper_list.matrix[1][2] 
_pdbx_struct_oper_list.matrix[1][3] 
_pdbx_struct_oper_list.vector[1] 
_pdbx_struct_oper_list.matrix[2][1] 
_pdbx_struct_oper_list.matrix[2][2] 
_pdbx_struct_oper_list.matrix[2][3] 
_pdbx_struct_oper_list.vector[2] 
_pdbx_struct_oper_list.matrix[3][1] 
_pdbx_struct_oper_list.matrix[3][2] 
_pdbx_struct_oper_list.matrix[3][3] 
_pdbx_struct_oper_list.vector[3] 
1 'identity operation'         1_555  x,y,z            1.0000000000 0.0000000000  0.0000000000  0.0000000000 0.0000000000  1.0000000000  0.0000000000 0.0000000000 0.0000000000  0.0000000000 1.0000000000  0.0000000000  
2 'crystal symmetry operation' 10_665 -y+1,-x+1,-z+5/6 0.0618188715 -0.9569230643 -0.2836841132 4.4329246180 -0.9569230643 -0.1376102124 0.2556593014 5.2671263587 -0.2836841132 0.2556593014 -0.9242086591 -1.1747985334 
# 
_pdbx_struct_special_symmetry.id              1 
_pdbx_struct_special_symmetry.PDB_model_num   1 
_pdbx_struct_special_symmetry.auth_asym_id    A 
_pdbx_struct_special_symmetry.auth_comp_id    HOH 
_pdbx_struct_special_symmetry.auth_seq_id     142 
_pdbx_struct_special_symmetry.PDB_ins_code    ? 
_pdbx_struct_special_symmetry.label_asym_id   B 
_pdbx_struct_special_symmetry.label_comp_id   HOH 
_pdbx_struct_special_symmetry.label_seq_id    . 
# 
loop_
_pdbx_audit_revision_history.ordinal 
_pdbx_audit_revision_history.data_content_type 
_pdbx_audit_revision_history.major_revision 
_pdbx_audit_revision_history.minor_revision 
_pdbx_audit_revision_history.revision_date 
1 'Structure model' 1 0 2023-08-09 
2 'Structure model' 1 1 2023-09-06 
# 
_pdbx_audit_revision_details.ordinal             1 
_pdbx_audit_revision_details.revision_ordinal    1 
_pdbx_audit_revision_details.data_content_type   'Structure model' 
_pdbx_audit_revision_details.provider            repository 
_pdbx_audit_revision_details.type                'Initial release' 
_pdbx_audit_revision_details.description         ? 
_pdbx_audit_revision_details.details             ? 
# 
loop_
_pdbx_audit_revision_group.ordinal 
_pdbx_audit_revision_group.revision_ordinal 
_pdbx_audit_revision_group.data_content_type 
_pdbx_audit_revision_group.group 
1 2 'Structure model' 'Data collection'     
2 2 'Structure model' 'Database references' 
# 
loop_
_pdbx_audit_revision_category.ordinal 
_pdbx_audit_revision_category.revision_ordinal 
_pdbx_audit_revision_category.data_content_type 
_pdbx_audit_revision_category.category 
1 2 'Structure model' chem_comp_atom  
2 2 'Structure model' chem_comp_bond  
3 2 'Structure model' citation        
4 2 'Structure model' citation_author 
# 
loop_
_pdbx_audit_revision_item.ordinal 
_pdbx_audit_revision_item.revision_ordinal 
_pdbx_audit_revision_item.data_content_type 
_pdbx_audit_revision_item.item 
1 2 'Structure model' '_citation.journal_volume'          
2 2 'Structure model' '_citation.page_first'              
3 2 'Structure model' '_citation.page_last'               
4 2 'Structure model' '_citation.title'                   
5 2 'Structure model' '_citation_author.identifier_ORCID' 
# 
loop_
_software.citation_id 
_software.classification 
_software.compiler_name 
_software.compiler_version 
_software.contact_author 
_software.contact_author_email 
_software.date 
_software.description 
_software.dependencies 
_software.hardware 
_software.language 
_software.location 
_software.mods 
_software.name 
_software.os 
_software.os_version 
_software.type 
_software.version 
_software.pdbx_ordinal 
? 'data reduction'  ? ? ? ? ? ? ? ? ? ? ? XDS         ? ? ? 'Version Mar 15,2919' 1 
? 'data scaling'    ? ? ? ? ? ? ? ? ? ? ? Aimless     ? ? ? .                     2 
? phasing           ? ? ? ? ? ? ? ? ? ? ? AutoSol     ? ? ? .                     3 
? refinement        ? ? ? ? ? ? ? ? ? ? ? PHENIX      ? ? ? 1.20.1-4487           4 
? 'data extraction' ? ? ? ? ? ? ? ? ? ? ? PDB_EXTRACT ? ? ? 3.25                  5 
# 
_pdbx_entry_details.entry_id                 8I50 
_pdbx_entry_details.nonpolymer_details       ? 
_pdbx_entry_details.sequence_details         ? 
_pdbx_entry_details.compound_details         ? 
_pdbx_entry_details.source_details           ? 
_pdbx_entry_details.has_ligand_of_interest   Y 
# 
loop_
_chem_comp_atom.comp_id 
_chem_comp_atom.atom_id 
_chem_comp_atom.type_symbol 
_chem_comp_atom.pdbx_aromatic_flag 
_chem_comp_atom.pdbx_stereo_config 
_chem_comp_atom.pdbx_ordinal 
BRU N1     N  N N 1   
BRU C2     C  N N 2   
BRU N3     N  N N 3   
BRU C4     C  N N 4   
BRU C5     C  N N 5   
BRU C6     C  N N 6   
BRU O2     O  N N 7   
BRU O4     O  N N 8   
BRU BR     BR N N 9   
BRU "C1'"  C  N R 10  
BRU "C2'"  C  N N 11  
BRU "C3'"  C  N S 12  
BRU "C4'"  C  N R 13  
BRU "O3'"  O  N N 14  
BRU "O4'"  O  N N 15  
BRU "C5'"  C  N N 16  
BRU "O5'"  O  N N 17  
BRU P      P  N N 18  
BRU OP1    O  N N 19  
BRU OP2    O  N N 20  
BRU OP3    O  N N 21  
BRU HN3    H  N N 22  
BRU H6     H  N N 23  
BRU "H1'"  H  N N 24  
BRU "H2'"  H  N N 25  
BRU "H2''" H  N N 26  
BRU "H3'"  H  N N 27  
BRU "H4'"  H  N N 28  
BRU "HO3'" H  N N 29  
BRU "H5'"  H  N N 30  
BRU "H5''" H  N N 31  
BRU HOP2   H  N N 32  
BRU HOP3   H  N N 33  
DA  OP3    O  N N 34  
DA  P      P  N N 35  
DA  OP1    O  N N 36  
DA  OP2    O  N N 37  
DA  "O5'"  O  N N 38  
DA  "C5'"  C  N N 39  
DA  "C4'"  C  N R 40  
DA  "O4'"  O  N N 41  
DA  "C3'"  C  N S 42  
DA  "O3'"  O  N N 43  
DA  "C2'"  C  N N 44  
DA  "C1'"  C  N R 45  
DA  N9     N  Y N 46  
DA  C8     C  Y N 47  
DA  N7     N  Y N 48  
DA  C5     C  Y N 49  
DA  C6     C  Y N 50  
DA  N6     N  N N 51  
DA  N1     N  Y N 52  
DA  C2     C  Y N 53  
DA  N3     N  Y N 54  
DA  C4     C  Y N 55  
DA  HOP3   H  N N 56  
DA  HOP2   H  N N 57  
DA  "H5'"  H  N N 58  
DA  "H5''" H  N N 59  
DA  "H4'"  H  N N 60  
DA  "H3'"  H  N N 61  
DA  "HO3'" H  N N 62  
DA  "H2'"  H  N N 63  
DA  "H2''" H  N N 64  
DA  "H1'"  H  N N 65  
DA  H8     H  N N 66  
DA  H61    H  N N 67  
DA  H62    H  N N 68  
DA  H2     H  N N 69  
DC  OP3    O  N N 70  
DC  P      P  N N 71  
DC  OP1    O  N N 72  
DC  OP2    O  N N 73  
DC  "O5'"  O  N N 74  
DC  "C5'"  C  N N 75  
DC  "C4'"  C  N R 76  
DC  "O4'"  O  N N 77  
DC  "C3'"  C  N S 78  
DC  "O3'"  O  N N 79  
DC  "C2'"  C  N N 80  
DC  "C1'"  C  N R 81  
DC  N1     N  N N 82  
DC  C2     C  N N 83  
DC  O2     O  N N 84  
DC  N3     N  N N 85  
DC  C4     C  N N 86  
DC  N4     N  N N 87  
DC  C5     C  N N 88  
DC  C6     C  N N 89  
DC  HOP3   H  N N 90  
DC  HOP2   H  N N 91  
DC  "H5'"  H  N N 92  
DC  "H5''" H  N N 93  
DC  "H4'"  H  N N 94  
DC  "H3'"  H  N N 95  
DC  "HO3'" H  N N 96  
DC  "H2'"  H  N N 97  
DC  "H2''" H  N N 98  
DC  "H1'"  H  N N 99  
DC  H41    H  N N 100 
DC  H42    H  N N 101 
DC  H5     H  N N 102 
DC  H6     H  N N 103 
DG  OP3    O  N N 104 
DG  P      P  N N 105 
DG  OP1    O  N N 106 
DG  OP2    O  N N 107 
DG  "O5'"  O  N N 108 
DG  "C5'"  C  N N 109 
DG  "C4'"  C  N R 110 
DG  "O4'"  O  N N 111 
DG  "C3'"  C  N S 112 
DG  "O3'"  O  N N 113 
DG  "C2'"  C  N N 114 
DG  "C1'"  C  N R 115 
DG  N9     N  Y N 116 
DG  C8     C  Y N 117 
DG  N7     N  Y N 118 
DG  C5     C  Y N 119 
DG  C6     C  N N 120 
DG  O6     O  N N 121 
DG  N1     N  N N 122 
DG  C2     C  N N 123 
DG  N2     N  N N 124 
DG  N3     N  N N 125 
DG  C4     C  Y N 126 
DG  HOP3   H  N N 127 
DG  HOP2   H  N N 128 
DG  "H5'"  H  N N 129 
DG  "H5''" H  N N 130 
DG  "H4'"  H  N N 131 
DG  "H3'"  H  N N 132 
DG  "HO3'" H  N N 133 
DG  "H2'"  H  N N 134 
DG  "H2''" H  N N 135 
DG  "H1'"  H  N N 136 
DG  H8     H  N N 137 
DG  H1     H  N N 138 
DG  H21    H  N N 139 
DG  H22    H  N N 140 
HOH O      O  N N 141 
HOH H1     H  N N 142 
HOH H2     H  N N 143 
OIQ N1     N  N N 144 
OIQ C4     C  N N 145 
OIQ C5     C  N N 146 
OIQ C6     C  N N 147 
OIQ C2     C  N N 148 
OIQ CD     C  N N 149 
OIQ "C1'"  C  N R 150 
OIQ "C2'"  C  N R 151 
OIQ "C3'"  C  N S 152 
OIQ "C4'"  C  N R 153 
OIQ "C5'"  C  N N 154 
OIQ C5M    C  N N 155 
OIQ "C6'"  C  N N 156 
OIQ "C7'"  C  N N 157 
OIQ "C8'"  C  N N 158 
OIQ "N2'"  N  N N 159 
OIQ N3     N  N N 160 
OIQ "N3'"  N  N N 161 
OIQ "N4'"  N  N N 162 
OIQ O2     O  N N 163 
OIQ "O3'"  O  N N 164 
OIQ O4     O  N N 165 
OIQ "O4'"  O  N N 166 
OIQ "O5'"  O  N N 167 
OIQ OP1    O  N N 168 
OIQ OP2    O  N N 169 
OIQ P      P  N N 170 
OIQ OP3    O  N N 171 
OIQ H1     H  N N 172 
OIQ H2     H  N N 173 
OIQ H3     H  N N 174 
OIQ H4     H  N N 175 
OIQ H5     H  N N 176 
OIQ H6     H  N N 177 
OIQ H7     H  N N 178 
OIQ H8     H  N N 179 
OIQ H9     H  N N 180 
OIQ H10    H  N N 181 
OIQ H11    H  N N 182 
OIQ H12    H  N N 183 
OIQ H13    H  N N 184 
OIQ H14    H  N N 185 
OIQ H15    H  N N 186 
OIQ H16    H  N N 187 
OIQ H17    H  N N 188 
OIQ H18    H  N N 189 
OIQ H19    H  N N 190 
OIQ H20    H  N N 191 
OIQ H21    H  N N 192 
OIQ H22    H  N N 193 
# 
loop_
_chem_comp_bond.comp_id 
_chem_comp_bond.atom_id_1 
_chem_comp_bond.atom_id_2 
_chem_comp_bond.value_order 
_chem_comp_bond.pdbx_aromatic_flag 
_chem_comp_bond.pdbx_stereo_config 
_chem_comp_bond.pdbx_ordinal 
BRU N1    C2     sing N N 1   
BRU N1    C6     sing N N 2   
BRU N1    "C1'"  sing N N 3   
BRU C2    N3     sing N N 4   
BRU C2    O2     doub N N 5   
BRU N3    C4     sing N N 6   
BRU N3    HN3    sing N N 7   
BRU C4    C5     sing N N 8   
BRU C4    O4     doub N N 9   
BRU C5    C6     doub N N 10  
BRU C5    BR     sing N N 11  
BRU C6    H6     sing N N 12  
BRU "C1'" "C2'"  sing N N 13  
BRU "C1'" "O4'"  sing N N 14  
BRU "C1'" "H1'"  sing N N 15  
BRU "C2'" "C3'"  sing N N 16  
BRU "C2'" "H2'"  sing N N 17  
BRU "C2'" "H2''" sing N N 18  
BRU "C3'" "C4'"  sing N N 19  
BRU "C3'" "O3'"  sing N N 20  
BRU "C3'" "H3'"  sing N N 21  
BRU "C4'" "O4'"  sing N N 22  
BRU "C4'" "C5'"  sing N N 23  
BRU "C4'" "H4'"  sing N N 24  
BRU "O3'" "HO3'" sing N N 25  
BRU "C5'" "O5'"  sing N N 26  
BRU "C5'" "H5'"  sing N N 27  
BRU "C5'" "H5''" sing N N 28  
BRU "O5'" P      sing N N 29  
BRU P     OP1    doub N N 30  
BRU P     OP2    sing N N 31  
BRU P     OP3    sing N N 32  
BRU OP2   HOP2   sing N N 33  
BRU OP3   HOP3   sing N N 34  
DA  OP3   P      sing N N 35  
DA  OP3   HOP3   sing N N 36  
DA  P     OP1    doub N N 37  
DA  P     OP2    sing N N 38  
DA  P     "O5'"  sing N N 39  
DA  OP2   HOP2   sing N N 40  
DA  "O5'" "C5'"  sing N N 41  
DA  "C5'" "C4'"  sing N N 42  
DA  "C5'" "H5'"  sing N N 43  
DA  "C5'" "H5''" sing N N 44  
DA  "C4'" "O4'"  sing N N 45  
DA  "C4'" "C3'"  sing N N 46  
DA  "C4'" "H4'"  sing N N 47  
DA  "O4'" "C1'"  sing N N 48  
DA  "C3'" "O3'"  sing N N 49  
DA  "C3'" "C2'"  sing N N 50  
DA  "C3'" "H3'"  sing N N 51  
DA  "O3'" "HO3'" sing N N 52  
DA  "C2'" "C1'"  sing N N 53  
DA  "C2'" "H2'"  sing N N 54  
DA  "C2'" "H2''" sing N N 55  
DA  "C1'" N9     sing N N 56  
DA  "C1'" "H1'"  sing N N 57  
DA  N9    C8     sing Y N 58  
DA  N9    C4     sing Y N 59  
DA  C8    N7     doub Y N 60  
DA  C8    H8     sing N N 61  
DA  N7    C5     sing Y N 62  
DA  C5    C6     sing Y N 63  
DA  C5    C4     doub Y N 64  
DA  C6    N6     sing N N 65  
DA  C6    N1     doub Y N 66  
DA  N6    H61    sing N N 67  
DA  N6    H62    sing N N 68  
DA  N1    C2     sing Y N 69  
DA  C2    N3     doub Y N 70  
DA  C2    H2     sing N N 71  
DA  N3    C4     sing Y N 72  
DC  OP3   P      sing N N 73  
DC  OP3   HOP3   sing N N 74  
DC  P     OP1    doub N N 75  
DC  P     OP2    sing N N 76  
DC  P     "O5'"  sing N N 77  
DC  OP2   HOP2   sing N N 78  
DC  "O5'" "C5'"  sing N N 79  
DC  "C5'" "C4'"  sing N N 80  
DC  "C5'" "H5'"  sing N N 81  
DC  "C5'" "H5''" sing N N 82  
DC  "C4'" "O4'"  sing N N 83  
DC  "C4'" "C3'"  sing N N 84  
DC  "C4'" "H4'"  sing N N 85  
DC  "O4'" "C1'"  sing N N 86  
DC  "C3'" "O3'"  sing N N 87  
DC  "C3'" "C2'"  sing N N 88  
DC  "C3'" "H3'"  sing N N 89  
DC  "O3'" "HO3'" sing N N 90  
DC  "C2'" "C1'"  sing N N 91  
DC  "C2'" "H2'"  sing N N 92  
DC  "C2'" "H2''" sing N N 93  
DC  "C1'" N1     sing N N 94  
DC  "C1'" "H1'"  sing N N 95  
DC  N1    C2     sing N N 96  
DC  N1    C6     sing N N 97  
DC  C2    O2     doub N N 98  
DC  C2    N3     sing N N 99  
DC  N3    C4     doub N N 100 
DC  C4    N4     sing N N 101 
DC  C4    C5     sing N N 102 
DC  N4    H41    sing N N 103 
DC  N4    H42    sing N N 104 
DC  C5    C6     doub N N 105 
DC  C5    H5     sing N N 106 
DC  C6    H6     sing N N 107 
DG  OP3   P      sing N N 108 
DG  OP3   HOP3   sing N N 109 
DG  P     OP1    doub N N 110 
DG  P     OP2    sing N N 111 
DG  P     "O5'"  sing N N 112 
DG  OP2   HOP2   sing N N 113 
DG  "O5'" "C5'"  sing N N 114 
DG  "C5'" "C4'"  sing N N 115 
DG  "C5'" "H5'"  sing N N 116 
DG  "C5'" "H5''" sing N N 117 
DG  "C4'" "O4'"  sing N N 118 
DG  "C4'" "C3'"  sing N N 119 
DG  "C4'" "H4'"  sing N N 120 
DG  "O4'" "C1'"  sing N N 121 
DG  "C3'" "O3'"  sing N N 122 
DG  "C3'" "C2'"  sing N N 123 
DG  "C3'" "H3'"  sing N N 124 
DG  "O3'" "HO3'" sing N N 125 
DG  "C2'" "C1'"  sing N N 126 
DG  "C2'" "H2'"  sing N N 127 
DG  "C2'" "H2''" sing N N 128 
DG  "C1'" N9     sing N N 129 
DG  "C1'" "H1'"  sing N N 130 
DG  N9    C8     sing Y N 131 
DG  N9    C4     sing Y N 132 
DG  C8    N7     doub Y N 133 
DG  C8    H8     sing N N 134 
DG  N7    C5     sing Y N 135 
DG  C5    C6     sing N N 136 
DG  C5    C4     doub Y N 137 
DG  C6    O6     doub N N 138 
DG  C6    N1     sing N N 139 
DG  N1    C2     sing N N 140 
DG  N1    H1     sing N N 141 
DG  C2    N2     sing N N 142 
DG  C2    N3     doub N N 143 
DG  N2    H21    sing N N 144 
DG  N2    H22    sing N N 145 
DG  N3    C4     sing N N 146 
HOH O     H1     sing N N 147 
HOH O     H2     sing N N 148 
OIQ "C7'" "N3'"  sing N N 149 
OIQ "N3'" CD     doub N N 150 
OIQ "C8'" "N4'"  sing N N 151 
OIQ "N4'" CD     sing N N 152 
OIQ CD    "N2'"  sing N N 153 
OIQ "C6'" "N2'"  sing N N 154 
OIQ "C6'" "C4'"  sing N N 155 
OIQ "N2'" "C2'"  sing N N 156 
OIQ "C1'" "O4'"  sing N N 157 
OIQ "C1'" "C2'"  sing N N 158 
OIQ "C1'" N1     sing N N 159 
OIQ "O4'" "C4'"  sing N N 160 
OIQ "C2'" "C3'"  sing N N 161 
OIQ O2    C2     doub N N 162 
OIQ "C4'" "C5'"  sing N N 163 
OIQ "C4'" "C3'"  sing N N 164 
OIQ "C5'" "O5'"  sing N N 165 
OIQ "C3'" "O3'"  sing N N 166 
OIQ C2    N1     sing N N 167 
OIQ C2    N3     sing N N 168 
OIQ N1    C6     sing N N 169 
OIQ N3    C4     sing N N 170 
OIQ "O5'" P      sing N N 171 
OIQ C6    C5     doub N N 172 
OIQ OP1   P      doub N N 173 
OIQ C4    C5     sing N N 174 
OIQ C4    O4     doub N N 175 
OIQ P     OP2    sing N N 176 
OIQ C5    C5M    sing N N 177 
OIQ P     OP3    sing N N 178 
OIQ C6    H1     sing N N 179 
OIQ "C1'" H2     sing N N 180 
OIQ "C2'" H3     sing N N 181 
OIQ "C3'" H4     sing N N 182 
OIQ "C5'" H5     sing N N 183 
OIQ "C5'" H6     sing N N 184 
OIQ C5M   H7     sing N N 185 
OIQ C5M   H8     sing N N 186 
OIQ C5M   H9     sing N N 187 
OIQ "C6'" H10    sing N N 188 
OIQ "C6'" H11    sing N N 189 
OIQ "C7'" H12    sing N N 190 
OIQ "C7'" H13    sing N N 191 
OIQ "C7'" H14    sing N N 192 
OIQ "C8'" H15    sing N N 193 
OIQ "C8'" H16    sing N N 194 
OIQ "C8'" H17    sing N N 195 
OIQ N3    H18    sing N N 196 
OIQ "N4'" H19    sing N N 197 
OIQ "O3'" H20    sing N N 198 
OIQ OP2   H21    sing N N 199 
OIQ OP3   H22    sing N N 200 
# 
loop_
_ndb_struct_conf_na.entry_id 
_ndb_struct_conf_na.feature 
8I50 'double helix'         
8I50 'a-form double helix'  
8I50 'mismatched base pair' 
# 
loop_
_ndb_struct_na_base_pair.model_number 
_ndb_struct_na_base_pair.i_label_asym_id 
_ndb_struct_na_base_pair.i_label_comp_id 
_ndb_struct_na_base_pair.i_label_seq_id 
_ndb_struct_na_base_pair.i_symmetry 
_ndb_struct_na_base_pair.j_label_asym_id 
_ndb_struct_na_base_pair.j_label_comp_id 
_ndb_struct_na_base_pair.j_label_seq_id 
_ndb_struct_na_base_pair.j_symmetry 
_ndb_struct_na_base_pair.shear 
_ndb_struct_na_base_pair.stretch 
_ndb_struct_na_base_pair.stagger 
_ndb_struct_na_base_pair.buckle 
_ndb_struct_na_base_pair.propeller 
_ndb_struct_na_base_pair.opening 
_ndb_struct_na_base_pair.pair_number 
_ndb_struct_na_base_pair.pair_name 
_ndb_struct_na_base_pair.i_auth_asym_id 
_ndb_struct_na_base_pair.i_auth_seq_id 
_ndb_struct_na_base_pair.i_PDB_ins_code 
_ndb_struct_na_base_pair.j_auth_asym_id 
_ndb_struct_na_base_pair.j_auth_seq_id 
_ndb_struct_na_base_pair.j_PDB_ins_code 
_ndb_struct_na_base_pair.hbond_type_28 
_ndb_struct_na_base_pair.hbond_type_12 
1 A DG  1 1_555 A DC  8 10_665 -0.431 -0.109 -0.237 -20.228 -16.597 -0.286 1 A_DG1:DC8_A  A 1 ? A 8 ? 19 1 
1 A DG  3 1_555 A DC  6 10_665 -0.199 -0.097 0.072  -8.481  -9.697  1.062  2 A_DG3:DC6_A  A 3 ? A 6 ? 19 1 
1 A BRU 4 1_555 A DA  5 10_665 0.009  -0.135 0.107  -0.375  -12.777 0.817  3 A_BRU4:DA5_A A 4 ? A 5 ? 20 1 
1 A DA  5 1_555 A BRU 4 10_665 -0.009 -0.135 0.107  0.375   -12.777 0.817  4 A_DA5:BRU4_A A 5 ? A 4 ? 20 1 
1 A DC  6 1_555 A DG  3 10_665 0.199  -0.097 0.072  8.481   -9.697  1.062  5 A_DC6:DG3_A  A 6 ? A 3 ? 19 1 
1 A DC  8 1_555 A DG  1 10_665 0.431  -0.109 -0.237 20.228  -16.597 -0.286 6 A_DC8:DG1_A  A 8 ? A 1 ? 19 1 
# 
loop_
_ndb_struct_na_base_pair_step.model_number 
_ndb_struct_na_base_pair_step.i_label_asym_id_1 
_ndb_struct_na_base_pair_step.i_label_comp_id_1 
_ndb_struct_na_base_pair_step.i_label_seq_id_1 
_ndb_struct_na_base_pair_step.i_symmetry_1 
_ndb_struct_na_base_pair_step.j_label_asym_id_1 
_ndb_struct_na_base_pair_step.j_label_comp_id_1 
_ndb_struct_na_base_pair_step.j_label_seq_id_1 
_ndb_struct_na_base_pair_step.j_symmetry_1 
_ndb_struct_na_base_pair_step.i_label_asym_id_2 
_ndb_struct_na_base_pair_step.i_label_comp_id_2 
_ndb_struct_na_base_pair_step.i_label_seq_id_2 
_ndb_struct_na_base_pair_step.i_symmetry_2 
_ndb_struct_na_base_pair_step.j_label_asym_id_2 
_ndb_struct_na_base_pair_step.j_label_comp_id_2 
_ndb_struct_na_base_pair_step.j_label_seq_id_2 
_ndb_struct_na_base_pair_step.j_symmetry_2 
_ndb_struct_na_base_pair_step.shift 
_ndb_struct_na_base_pair_step.slide 
_ndb_struct_na_base_pair_step.rise 
_ndb_struct_na_base_pair_step.tilt 
_ndb_struct_na_base_pair_step.roll 
_ndb_struct_na_base_pair_step.twist 
_ndb_struct_na_base_pair_step.x_displacement 
_ndb_struct_na_base_pair_step.y_displacement 
_ndb_struct_na_base_pair_step.helical_rise 
_ndb_struct_na_base_pair_step.inclination 
_ndb_struct_na_base_pair_step.tip 
_ndb_struct_na_base_pair_step.helical_twist 
_ndb_struct_na_base_pair_step.step_number 
_ndb_struct_na_base_pair_step.step_name 
_ndb_struct_na_base_pair_step.i_auth_asym_id_1 
_ndb_struct_na_base_pair_step.i_auth_seq_id_1 
_ndb_struct_na_base_pair_step.i_PDB_ins_code_1 
_ndb_struct_na_base_pair_step.j_auth_asym_id_1 
_ndb_struct_na_base_pair_step.j_auth_seq_id_1 
_ndb_struct_na_base_pair_step.j_PDB_ins_code_1 
_ndb_struct_na_base_pair_step.i_auth_asym_id_2 
_ndb_struct_na_base_pair_step.i_auth_seq_id_2 
_ndb_struct_na_base_pair_step.i_PDB_ins_code_2 
_ndb_struct_na_base_pair_step.j_auth_asym_id_2 
_ndb_struct_na_base_pair_step.j_auth_seq_id_2 
_ndb_struct_na_base_pair_step.j_PDB_ins_code_2 
1 A DG  1 1_555 A DC  8 10_665 A DG  3 1_555 A DC  6 10_665 -0.067 -2.227 6.212 -3.767 9.250  63.638 -2.825 -0.236 5.869 8.715  
3.549  64.335 1 AA_DG1DG3:DC6DC8_AA   A 1 ? A 8 ? A 3 ? A 6 ? 
1 A DG  3 1_555 A DC  6 10_665 A BRU 4 1_555 A DA  5 10_665 -0.649 -1.124 3.105 -1.886 6.795  33.676 -2.880 0.826  2.862 11.571 
3.212  34.386 2 AA_DG3BRU4:DA5DC6_AA  A 3 ? A 6 ? A 4 ? A 5 ? 
1 A BRU 4 1_555 A DA  5 10_665 A DA  5 1_555 A BRU 4 10_665 0.000  -1.106 3.125 0.000  13.211 32.043 -3.681 0.000  2.490 22.761 
0.000  34.594 3 AA_BRU4DA5:BRU4DA5_AA A 4 ? A 5 ? A 5 ? A 4 ? 
1 A DA  5 1_555 A BRU 4 10_665 A DC  6 1_555 A DG  3 10_665 0.649  -1.124 3.105 1.886  6.795  33.676 -2.880 -0.826 2.862 11.571 
-3.212 34.386 4 AA_DA5DC6:DG3BRU4_AA  A 5 ? A 4 ? A 6 ? A 3 ? 
1 A DC  6 1_555 A DG  3 10_665 A DC  8 1_555 A DG  1 10_665 0.067  -2.227 6.212 3.767  9.250  63.638 -2.825 0.236  5.869 8.715  
-3.549 64.335 5 AA_DC6DC8:DG1DG3_AA   A 6 ? A 3 ? A 8 ? A 1 ? 
# 
loop_
_pdbx_audit_support.funding_organization 
_pdbx_audit_support.country 
_pdbx_audit_support.grant_number 
_pdbx_audit_support.ordinal 
'Japan Society for the Promotion of Science (JSPS)'        Japan 20K05748      1 
'Japan Society for the Promotion of Science (JSPS)'        Japan 21K06511      2 
'Japan Agency for Medical Research and Development (AMED)' Japan JP19am0101084 3 
'Japan Agency for Medical Research and Development (AMED)' Japan JP18am0301004 4 
'Japan Agency for Medical Research and Development (AMED)' Japan 19am0401003   5 
'Japan Agency for Medical Research and Development (AMED)' Japan JP21ae0121022 6 
'Japan Agency for Medical Research and Development (AMED)' Japan JP21ae0121023 7 
'Japan Agency for Medical Research and Development (AMED)' Japan JP21ae012102  8 
# 
_pdbx_entity_instance_feature.ordinal        1 
_pdbx_entity_instance_feature.comp_id        OIQ 
_pdbx_entity_instance_feature.asym_id        ? 
_pdbx_entity_instance_feature.seq_num        ? 
_pdbx_entity_instance_feature.auth_comp_id   OIQ 
_pdbx_entity_instance_feature.auth_asym_id   ? 
_pdbx_entity_instance_feature.auth_seq_num   ? 
_pdbx_entity_instance_feature.feature_type   'SUBJECT OF INVESTIGATION' 
_pdbx_entity_instance_feature.details        ? 
# 
_pdbx_entity_nonpoly.entity_id   2 
_pdbx_entity_nonpoly.name        water 
_pdbx_entity_nonpoly.comp_id     HOH 
# 
_pdbx_initial_refinement_model.id               1 
_pdbx_initial_refinement_model.entity_id_list   ? 
_pdbx_initial_refinement_model.type             'experimental model' 
_pdbx_initial_refinement_model.source_name      ? 
_pdbx_initial_refinement_model.accession_code   ? 
_pdbx_initial_refinement_model.details          ? 
# 
_pdbx_struct_assembly_auth_evidence.id                     1 
_pdbx_struct_assembly_auth_evidence.assembly_id            1 
_pdbx_struct_assembly_auth_evidence.experimental_support   none 
_pdbx_struct_assembly_auth_evidence.details                ? 
# 
